data_6K4H
#
_entry.id   6K4H
#
_cell.length_a   108.637
_cell.length_b   182.980
_cell.length_c   105.999
_cell.angle_alpha   90.000
_cell.angle_beta   90.000
_cell.angle_gamma   90.000
#
_symmetry.space_group_name_H-M   'C 2 2 21'
#
loop_
_entity.id
_entity.type
_entity.pdbx_description
1 polymer 'Phosphatidylinositol 5-phosphate 4-kinase type-2 beta'
2 non-polymer 'PHOSPHOAMINOPHOSPHONIC ACID-ADENYLATE ESTER'
3 water water
#
_entity_poly.entity_id   1
_entity_poly.type   'polypeptide(L)'
_entity_poly.pdbx_seq_one_letter_code
;GPNCAPGQKVKLFRASEPILSVLMWGVNHTINELSNVPVPVMLMPDDFKAYSKIKVDNHLFNKENLPSRFKFKEYCPMVF
RNLRERFGIDDQDYQNSVTRSAPINSDSQGRCGTRFLTTYDRRFVIKTVSSEDVAEMHNILKKYHQFIVECHGNTLLPQF
LGMYRLTVDGVETYMVVTRNVFSHRLTVHRKYDLKGSTVAREASDKEKAKDLPTFKDNDFLNEGQKLHVGEESKKNFLEK
LKRDVEFLAQLKIMDYSLLVGIHDVDRAEQEEMEVEERAEDEECENDGVGGNLLCSYGTPPDSPGNLLSFPRFFGPGEFD
PSVDVYAMKSHESSPKKEVYFMAIIDILTPYDTKKKAAHAAKTVKHGAGAEISTVNPEQYSKRFNEFMSNILT
;
_entity_poly.pdbx_strand_id   A,B
#
loop_
_chem_comp.id
_chem_comp.type
_chem_comp.name
_chem_comp.formula
ANP non-polymer 'PHOSPHOAMINOPHOSPHONIC ACID-ADENYLATE ESTER' 'C10 H17 N6 O12 P3'
#
# COMPACT_ATOMS: atom_id res chain seq x y z
N LYS A 9 -5.70 4.66 -12.85
CA LYS A 9 -4.53 4.87 -12.01
C LYS A 9 -4.10 3.54 -11.38
N VAL A 10 -4.79 2.46 -11.78
CA VAL A 10 -4.52 1.14 -11.20
C VAL A 10 -3.09 0.68 -11.51
N LYS A 11 -2.63 -0.30 -10.74
CA LYS A 11 -1.28 -0.84 -10.87
C LYS A 11 -1.37 -2.37 -10.85
N LEU A 12 -1.28 -2.96 -12.04
CA LEU A 12 -1.44 -4.39 -12.19
C LEU A 12 -0.22 -5.16 -11.72
N PHE A 13 0.92 -4.49 -11.59
CA PHE A 13 2.21 -5.13 -11.31
C PHE A 13 2.50 -6.24 -12.33
N ARG A 14 2.04 -6.05 -13.57
CA ARG A 14 2.30 -7.04 -14.61
C ARG A 14 3.80 -7.09 -14.88
N ALA A 15 4.37 -8.30 -14.96
CA ALA A 15 5.81 -8.42 -15.16
C ALA A 15 6.13 -9.77 -15.78
N SER A 16 7.32 -9.85 -16.38
CA SER A 16 7.73 -11.06 -17.09
C SER A 16 7.83 -12.27 -16.16
N GLU A 17 8.32 -12.07 -14.93
CA GLU A 17 8.49 -13.14 -13.96
C GLU A 17 7.79 -12.79 -12.66
N PRO A 18 7.29 -13.78 -11.93
CA PRO A 18 6.54 -13.47 -10.71
C PRO A 18 7.34 -12.69 -9.67
N ILE A 19 8.66 -12.87 -9.61
CA ILE A 19 9.31 -12.14 -8.54
C ILE A 19 9.56 -10.68 -8.90
N LEU A 20 9.64 -10.32 -10.18
CA LEU A 20 9.60 -8.91 -10.56
C LEU A 20 8.31 -8.23 -10.10
N SER A 21 7.16 -8.87 -10.35
CA SER A 21 5.92 -8.28 -9.87
C SER A 21 5.88 -8.22 -8.35
N VAL A 22 6.45 -9.21 -7.66
CA VAL A 22 6.49 -9.09 -6.21
C VAL A 22 7.38 -7.90 -5.82
N LEU A 23 8.47 -7.70 -6.55
CA LEU A 23 9.31 -6.53 -6.29
C LEU A 23 8.51 -5.27 -6.42
N MET A 24 7.78 -5.14 -7.52
CA MET A 24 6.98 -3.94 -7.75
C MET A 24 5.97 -3.77 -6.63
N TRP A 25 5.26 -4.84 -6.29
CA TRP A 25 4.29 -4.80 -5.21
C TRP A 25 4.94 -4.31 -3.90
N GLY A 26 6.10 -4.86 -3.56
CA GLY A 26 6.75 -4.53 -2.29
C GLY A 26 7.29 -3.11 -2.23
N VAL A 27 7.91 -2.65 -3.30
CA VAL A 27 8.31 -1.25 -3.32
C VAL A 27 7.09 -0.36 -3.15
N ASN A 28 5.99 -0.72 -3.83
CA ASN A 28 4.78 0.09 -3.74
C ASN A 28 4.25 0.11 -2.32
N HIS A 29 4.16 -1.07 -1.72
CA HIS A 29 3.62 -1.22 -0.37
C HIS A 29 4.46 -0.44 0.63
N THR A 30 5.78 -0.67 0.63
CA THR A 30 6.64 -0.07 1.65
C THR A 30 6.72 1.43 1.48
N ILE A 31 6.78 1.93 0.24
CA ILE A 31 6.77 3.38 0.06
C ILE A 31 5.45 3.99 0.53
N ASN A 32 4.32 3.30 0.34
CA ASN A 32 3.05 3.83 0.86
C ASN A 32 3.03 3.87 2.39
N GLU A 33 3.34 2.73 3.02
CA GLU A 33 3.42 2.70 4.46
C GLU A 33 4.36 3.80 4.97
N LEU A 34 5.55 3.93 4.35
CA LEU A 34 6.46 4.99 4.75
C LEU A 34 5.82 6.36 4.62
N SER A 35 4.98 6.54 3.59
CA SER A 35 4.30 7.82 3.48
C SER A 35 3.41 8.06 4.69
N ASN A 36 2.97 7.01 5.37
CA ASN A 36 2.20 7.21 6.60
C ASN A 36 3.07 7.42 7.85
N VAL A 37 4.39 7.38 7.73
CA VAL A 37 5.32 7.42 8.86
C VAL A 37 6.01 8.78 8.86
N PRO A 38 5.94 9.54 9.95
CA PRO A 38 6.57 10.87 9.96
C PRO A 38 8.06 10.78 9.70
N VAL A 39 8.63 11.89 9.28
CA VAL A 39 10.02 11.95 8.87
C VAL A 39 10.84 12.40 10.08
N PRO A 40 11.74 11.57 10.59
CA PRO A 40 12.37 11.87 11.89
C PRO A 40 13.38 12.99 11.80
N VAL A 41 13.54 13.69 12.93
CA VAL A 41 14.58 14.71 13.06
C VAL A 41 15.96 14.07 12.97
N MET A 42 16.14 12.90 13.58
CA MET A 42 17.40 12.18 13.55
C MET A 42 17.15 10.68 13.46
N LEU A 43 18.13 9.95 12.94
CA LEU A 43 18.09 8.50 12.98
C LEU A 43 18.57 8.01 14.34
N MET A 44 17.94 6.95 14.82
CA MET A 44 18.44 6.43 16.08
C MET A 44 19.08 5.08 15.87
N PRO A 45 20.02 4.66 16.75
CA PRO A 45 20.71 3.37 16.56
C PRO A 45 19.85 2.21 16.07
N ASP A 46 18.69 1.99 16.68
CA ASP A 46 17.93 0.80 16.26
C ASP A 46 17.29 0.95 14.89
N ASP A 47 17.23 2.15 14.32
CA ASP A 47 16.82 2.26 12.91
C ASP A 47 17.76 1.44 12.03
N PHE A 48 19.00 1.23 12.48
CA PHE A 48 20.03 0.49 11.75
C PHE A 48 19.97 -1.00 12.00
N LYS A 49 19.10 -1.44 12.88
CA LYS A 49 18.90 -2.86 13.12
C LYS A 49 17.48 -3.26 12.79
N ALA A 50 16.71 -2.34 12.22
CA ALA A 50 15.27 -2.52 12.04
C ALA A 50 14.94 -3.17 10.70
N TYR A 51 13.75 -3.76 10.63
CA TYR A 51 13.22 -4.21 9.35
C TYR A 51 11.70 -4.24 9.41
N SER A 52 11.09 -4.27 8.22
CA SER A 52 9.68 -4.63 8.08
C SER A 52 9.55 -5.89 7.25
N LYS A 53 8.57 -6.71 7.64
CA LYS A 53 8.26 -8.00 7.03
C LYS A 53 6.76 -8.04 6.80
N ILE A 54 6.34 -8.48 5.61
CA ILE A 54 4.96 -8.85 5.38
C ILE A 54 4.90 -10.21 4.72
N LYS A 55 3.89 -11.01 5.09
CA LYS A 55 3.55 -12.26 4.42
C LYS A 55 2.14 -12.15 3.86
N VAL A 56 2.01 -12.44 2.57
CA VAL A 56 0.72 -12.42 1.89
C VAL A 56 0.35 -13.86 1.52
N ASP A 57 -0.83 -14.29 1.93
CA ASP A 57 -1.39 -15.60 1.59
C ASP A 57 -2.79 -15.31 1.05
N ASN A 58 -2.88 -14.98 -0.23
CA ASN A 58 -4.21 -14.79 -0.78
C ASN A 58 -4.78 -16.14 -1.19
N HIS A 59 -6.07 -16.16 -1.44
CA HIS A 59 -6.70 -17.37 -1.92
C HIS A 59 -7.82 -16.98 -2.87
N LEU A 60 -7.74 -17.45 -4.12
CA LEU A 60 -8.76 -17.16 -5.13
C LEU A 60 -8.98 -15.66 -5.28
N PHE A 61 -7.92 -14.88 -5.13
CA PHE A 61 -8.05 -13.44 -5.12
C PHE A 61 -6.80 -12.80 -5.67
N ASN A 62 -6.96 -11.93 -6.67
CA ASN A 62 -5.89 -11.07 -7.12
C ASN A 62 -4.66 -11.86 -7.50
N LYS A 63 -4.85 -12.86 -8.34
CA LYS A 63 -3.74 -13.72 -8.70
C LYS A 63 -3.48 -13.70 -10.20
N GLU A 64 -4.01 -12.68 -10.89
CA GLU A 64 -3.64 -12.42 -12.28
C GLU A 64 -2.16 -12.11 -12.42
N ASN A 65 -1.60 -11.33 -11.51
CA ASN A 65 -0.17 -11.04 -11.71
C ASN A 65 0.69 -11.36 -10.50
N LEU A 66 0.21 -11.07 -9.32
CA LEU A 66 0.94 -11.50 -8.15
C LEU A 66 0.71 -12.99 -7.91
N PRO A 67 1.69 -13.70 -7.37
CA PRO A 67 1.40 -15.02 -6.79
C PRO A 67 0.46 -14.84 -5.62
N SER A 68 -0.36 -15.87 -5.35
CA SER A 68 -1.22 -15.89 -4.18
C SER A 68 -0.42 -15.74 -2.89
N ARG A 69 0.80 -16.30 -2.85
CA ARG A 69 1.59 -16.43 -1.63
C ARG A 69 2.98 -15.85 -1.87
N PHE A 70 3.36 -14.84 -1.06
CA PHE A 70 4.73 -14.37 -1.13
C PHE A 70 5.08 -13.62 0.15
N LYS A 71 6.38 -13.40 0.38
CA LYS A 71 6.86 -12.57 1.49
C LYS A 71 7.74 -11.42 0.97
N PHE A 72 7.72 -10.31 1.69
CA PHE A 72 8.54 -9.17 1.33
C PHE A 72 9.14 -8.57 2.59
N LYS A 73 10.45 -8.31 2.56
CA LYS A 73 11.17 -7.78 3.72
C LYS A 73 12.00 -6.58 3.30
N GLU A 74 11.85 -5.46 3.99
CA GLU A 74 12.69 -4.29 3.75
C GLU A 74 13.62 -4.11 4.94
N TYR A 75 14.90 -3.81 4.65
CA TYR A 75 15.87 -3.63 5.71
C TYR A 75 15.99 -2.14 6.04
N CYS A 76 16.07 -1.84 7.33
CA CYS A 76 16.34 -0.50 7.86
C CYS A 76 15.66 0.56 7.00
N PRO A 77 14.33 0.51 6.90
CA PRO A 77 13.65 1.44 5.97
C PRO A 77 13.80 2.90 6.36
N MET A 78 13.87 3.24 7.66
CA MET A 78 14.08 4.64 8.02
C MET A 78 15.40 5.13 7.46
N VAL A 79 16.42 4.28 7.51
CA VAL A 79 17.76 4.65 7.07
C VAL A 79 17.84 4.74 5.55
N PHE A 80 17.22 3.81 4.83
CA PHE A 80 17.27 3.95 3.38
C PHE A 80 16.39 5.12 2.90
N ARG A 81 15.23 5.37 3.54
CA ARG A 81 14.48 6.55 3.16
C ARG A 81 15.33 7.80 3.35
N ASN A 82 16.04 7.89 4.48
CA ASN A 82 16.96 9.01 4.68
C ASN A 82 18.01 9.09 3.58
N LEU A 83 18.59 7.95 3.19
CA LEU A 83 19.61 7.96 2.15
C LEU A 83 19.03 8.50 0.86
N ARG A 84 17.83 8.04 0.50
CA ARG A 84 17.15 8.57 -0.67
C ARG A 84 17.07 10.09 -0.58
N GLU A 85 16.66 10.57 0.60
CA GLU A 85 16.54 12.01 0.80
C GLU A 85 17.87 12.72 0.54
N ARG A 86 18.96 12.21 1.13
CA ARG A 86 20.26 12.87 0.99
C ARG A 86 20.83 12.77 -0.43
N PHE A 87 20.29 11.86 -1.25
CA PHE A 87 20.70 11.68 -2.63
C PHE A 87 19.80 12.42 -3.62
N GLY A 88 18.90 13.27 -3.11
CA GLY A 88 18.02 14.06 -3.95
C GLY A 88 16.96 13.25 -4.68
N ILE A 89 16.42 12.22 -4.04
CA ILE A 89 15.41 11.36 -4.67
C ILE A 89 14.11 11.44 -3.90
N ASP A 90 13.04 11.84 -4.56
CA ASP A 90 11.73 11.77 -3.95
C ASP A 90 11.20 10.33 -3.88
N ASP A 91 10.56 10.01 -2.77
CA ASP A 91 9.99 8.67 -2.58
C ASP A 91 8.90 8.36 -3.59
N GLN A 92 8.00 9.31 -3.84
CA GLN A 92 7.03 9.11 -4.92
C GLN A 92 7.73 8.76 -6.23
N ASP A 93 8.81 9.48 -6.57
CA ASP A 93 9.47 9.22 -7.84
C ASP A 93 10.08 7.82 -7.88
N TYR A 94 10.75 7.43 -6.80
CA TYR A 94 11.34 6.11 -6.66
C TYR A 94 10.30 5.03 -6.87
N GLN A 95 9.20 5.16 -6.12
CA GLN A 95 8.08 4.24 -6.23
C GLN A 95 7.59 4.16 -7.67
N ASN A 96 7.35 5.31 -8.27
CA ASN A 96 6.83 5.31 -9.61
C ASN A 96 7.77 4.63 -10.58
N SER A 97 9.09 4.86 -10.45
CA SER A 97 9.88 4.24 -11.51
C SER A 97 10.05 2.75 -11.30
N VAL A 98 9.88 2.27 -10.06
CA VAL A 98 9.86 0.83 -9.87
C VAL A 98 8.52 0.22 -10.30
N THR A 99 7.40 0.89 -10.04
CA THR A 99 6.10 0.23 -10.13
C THR A 99 5.26 0.63 -11.34
N ARG A 100 5.59 1.73 -12.03
CA ARG A 100 4.75 2.17 -13.13
C ARG A 100 4.84 1.22 -14.31
N SER A 101 5.97 0.54 -14.49
CA SER A 101 6.12 -0.50 -15.50
C SER A 101 7.25 -1.41 -15.04
N ALA A 102 7.25 -2.64 -15.54
CA ALA A 102 8.18 -3.65 -15.03
C ALA A 102 9.62 -3.21 -15.19
N PRO A 103 10.47 -3.45 -14.21
CA PRO A 103 11.91 -3.37 -14.46
C PRO A 103 12.31 -4.32 -15.60
N ILE A 104 13.35 -3.94 -16.34
CA ILE A 104 13.90 -4.78 -17.40
C ILE A 104 15.36 -5.09 -17.07
N ASN A 105 15.90 -6.11 -17.74
CA ASN A 105 17.29 -6.49 -17.48
C ASN A 105 18.20 -6.26 -18.67
N THR A 114 24.60 -12.18 -9.55
CA THR A 114 23.46 -12.86 -10.16
C THR A 114 22.74 -11.98 -11.20
N ARG A 115 21.48 -11.63 -10.93
CA ARG A 115 20.61 -10.94 -11.87
C ARG A 115 20.72 -9.42 -11.76
N PHE A 116 20.46 -8.73 -12.88
CA PHE A 116 20.71 -7.30 -13.01
C PHE A 116 19.56 -6.65 -13.78
N LEU A 117 18.76 -5.82 -13.12
CA LEU A 117 17.68 -5.11 -13.75
C LEU A 117 17.89 -3.61 -13.73
N THR A 118 17.09 -2.94 -14.53
CA THR A 118 16.97 -1.49 -14.55
C THR A 118 15.48 -1.14 -14.52
N THR A 119 15.15 -0.05 -13.84
CA THR A 119 13.78 0.41 -13.91
C THR A 119 13.48 0.84 -15.33
N TYR A 120 12.20 0.77 -15.68
CA TYR A 120 11.83 0.94 -17.08
C TYR A 120 12.33 2.26 -17.64
N ASP A 121 12.51 3.26 -16.78
CA ASP A 121 13.01 4.56 -17.16
C ASP A 121 14.51 4.73 -16.92
N ARG A 122 15.21 3.69 -16.50
CA ARG A 122 16.67 3.71 -16.41
C ARG A 122 17.20 4.65 -15.34
N ARG A 123 16.37 5.10 -14.42
CA ARG A 123 16.91 5.85 -13.30
C ARG A 123 17.64 4.91 -12.33
N PHE A 124 17.03 3.80 -11.97
CA PHE A 124 17.58 2.98 -10.90
C PHE A 124 17.95 1.60 -11.42
N VAL A 125 18.89 0.98 -10.72
CA VAL A 125 19.45 -0.32 -11.01
C VAL A 125 19.15 -1.24 -9.83
N ILE A 126 18.76 -2.46 -10.13
CA ILE A 126 18.38 -3.42 -9.09
C ILE A 126 19.24 -4.65 -9.26
N LYS A 127 20.06 -4.94 -8.25
CA LYS A 127 21.00 -6.03 -8.35
C LYS A 127 20.59 -7.10 -7.33
N THR A 128 20.58 -8.35 -7.78
CA THR A 128 20.45 -9.48 -6.87
C THR A 128 21.77 -9.73 -6.18
N VAL A 129 21.70 -9.91 -4.87
CA VAL A 129 22.88 -10.11 -4.05
C VAL A 129 22.64 -11.32 -3.16
N SER A 130 23.67 -11.67 -2.43
CA SER A 130 23.65 -12.84 -1.59
C SER A 130 23.37 -12.44 -0.15
N SER A 131 23.07 -13.46 0.64
CA SER A 131 23.06 -13.33 2.09
C SER A 131 24.26 -12.55 2.59
N GLU A 132 25.45 -12.94 2.16
CA GLU A 132 26.65 -12.34 2.71
C GLU A 132 26.68 -10.86 2.41
N ASP A 133 26.22 -10.47 1.21
CA ASP A 133 26.19 -9.06 0.86
C ASP A 133 25.32 -8.29 1.84
N VAL A 134 24.13 -8.83 2.12
CA VAL A 134 23.23 -8.16 3.03
C VAL A 134 23.90 -7.95 4.39
N ALA A 135 24.68 -8.96 4.82
CA ALA A 135 25.45 -8.80 6.05
C ALA A 135 26.45 -7.65 5.94
N GLU A 136 27.18 -7.58 4.82
CA GLU A 136 28.19 -6.53 4.66
C GLU A 136 27.53 -5.17 4.76
N MET A 137 26.33 -5.07 4.19
CA MET A 137 25.59 -3.83 4.21
C MET A 137 25.22 -3.43 5.62
N HIS A 138 24.76 -4.40 6.43
CA HIS A 138 24.40 -4.07 7.80
C HIS A 138 25.60 -3.60 8.60
N ASN A 139 26.74 -4.24 8.40
CA ASN A 139 27.82 -3.81 9.26
C ASN A 139 28.47 -2.52 8.77
N ILE A 140 28.29 -2.15 7.51
CA ILE A 140 28.86 -0.88 7.09
C ILE A 140 27.83 0.25 7.05
N LEU A 141 26.55 -0.02 7.38
CA LEU A 141 25.51 0.97 7.10
C LEU A 141 25.66 2.23 7.94
N LYS A 142 25.96 2.09 9.22
CA LYS A 142 26.10 3.27 10.05
C LYS A 142 27.24 4.14 9.54
N LYS A 143 28.40 3.52 9.27
CA LYS A 143 29.54 4.30 8.83
C LYS A 143 29.31 4.89 7.43
N TYR A 144 28.59 4.16 6.58
CA TYR A 144 28.30 4.67 5.25
C TYR A 144 27.35 5.86 5.33
N HIS A 145 26.30 5.76 6.15
CA HIS A 145 25.38 6.87 6.29
C HIS A 145 26.10 8.08 6.86
N GLN A 146 26.96 7.86 7.85
CA GLN A 146 27.75 8.97 8.36
C GLN A 146 28.63 9.55 7.28
N PHE A 147 29.10 8.71 6.35
CA PHE A 147 29.95 9.20 5.28
C PHE A 147 29.14 10.08 4.33
N ILE A 148 28.03 9.54 3.84
CA ILE A 148 27.08 10.27 3.01
C ILE A 148 26.68 11.59 3.62
N VAL A 149 26.47 11.63 4.93
CA VAL A 149 26.04 12.91 5.49
C VAL A 149 27.21 13.90 5.57
N GLU A 150 28.42 13.43 5.93
CA GLU A 150 29.47 14.46 6.01
C GLU A 150 30.06 14.82 4.66
N CYS A 151 29.76 14.09 3.60
CA CYS A 151 30.13 14.54 2.27
C CYS A 151 28.93 15.04 1.48
N HIS A 152 27.78 15.24 2.15
CA HIS A 152 26.61 15.87 1.56
C HIS A 152 26.07 15.13 0.34
N GLY A 153 26.34 13.84 0.21
CA GLY A 153 25.84 13.10 -0.93
C GLY A 153 26.68 13.22 -2.18
N ASN A 154 27.75 14.00 -2.15
CA ASN A 154 28.71 14.12 -3.24
C ASN A 154 29.75 13.02 -3.11
N THR A 155 29.52 11.91 -3.79
CA THR A 155 30.38 10.75 -3.71
C THR A 155 30.28 9.93 -4.99
N LEU A 156 31.43 9.43 -5.45
CA LEU A 156 31.45 8.42 -6.50
C LEU A 156 30.95 7.06 -6.04
N LEU A 157 30.73 6.89 -4.74
CA LEU A 157 30.30 5.62 -4.20
C LEU A 157 28.91 5.27 -4.75
N PRO A 158 28.54 4.00 -4.66
CA PRO A 158 27.14 3.64 -4.91
C PRO A 158 26.24 4.38 -3.94
N GLN A 159 25.13 4.87 -4.48
CA GLN A 159 24.06 5.45 -3.69
C GLN A 159 23.04 4.35 -3.45
N PHE A 160 22.98 3.85 -2.21
CA PHE A 160 22.08 2.78 -1.87
C PHE A 160 20.69 3.36 -1.52
N LEU A 161 19.65 2.97 -2.27
CA LEU A 161 18.32 3.50 -2.01
C LEU A 161 17.40 2.55 -1.26
N GLY A 162 17.63 1.25 -1.34
CA GLY A 162 16.79 0.32 -0.63
C GLY A 162 17.40 -1.06 -0.70
N MET A 163 16.97 -1.91 0.23
CA MET A 163 17.48 -3.27 0.28
C MET A 163 16.35 -4.19 0.74
N TYR A 164 16.13 -5.26 -0.02
CA TYR A 164 14.96 -6.08 0.17
C TYR A 164 15.33 -7.55 0.13
N ARG A 165 14.44 -8.35 0.71
CA ARG A 165 14.43 -9.78 0.55
C ARG A 165 13.03 -10.14 0.08
N LEU A 166 12.96 -10.90 -1.00
CA LEU A 166 11.70 -11.38 -1.56
C LEU A 166 11.64 -12.88 -1.32
N THR A 167 10.46 -13.40 -1.04
CA THR A 167 10.31 -14.84 -0.95
C THR A 167 9.16 -15.23 -1.86
N VAL A 168 9.50 -16.04 -2.86
CA VAL A 168 8.61 -16.51 -3.91
C VAL A 168 8.86 -17.99 -4.10
N ASP A 169 7.79 -18.78 -4.05
CA ASP A 169 7.87 -20.23 -4.13
C ASP A 169 8.88 -20.77 -3.11
N GLY A 170 8.89 -20.17 -1.93
CA GLY A 170 9.73 -20.65 -0.87
C GLY A 170 11.20 -20.41 -1.08
N VAL A 171 11.55 -19.63 -2.10
CA VAL A 171 12.92 -19.24 -2.38
C VAL A 171 13.11 -17.78 -1.98
N GLU A 172 14.19 -17.51 -1.26
CA GLU A 172 14.53 -16.16 -0.88
C GLU A 172 15.47 -15.56 -1.89
N THR A 173 15.32 -14.25 -2.11
CA THR A 173 16.09 -13.50 -3.10
C THR A 173 16.37 -12.13 -2.55
N TYR A 174 17.64 -11.78 -2.40
CA TYR A 174 18.03 -10.50 -1.84
C TYR A 174 18.33 -9.52 -2.96
N MET A 175 17.87 -8.27 -2.81
CA MET A 175 18.07 -7.25 -3.82
C MET A 175 18.46 -5.92 -3.19
N VAL A 176 19.37 -5.21 -3.87
CA VAL A 176 19.78 -3.86 -3.49
C VAL A 176 19.49 -2.92 -4.66
N VAL A 177 18.87 -1.76 -4.36
CA VAL A 177 18.53 -0.75 -5.35
C VAL A 177 19.56 0.38 -5.26
N THR A 178 20.00 0.86 -6.42
CA THR A 178 21.11 1.80 -6.48
C THR A 178 20.85 2.74 -7.65
N ARG A 179 21.39 3.95 -7.56
CA ARG A 179 21.27 4.87 -8.69
C ARG A 179 22.10 4.38 -9.88
N ASN A 180 21.56 4.55 -11.08
CA ASN A 180 22.24 4.17 -12.32
C ASN A 180 23.50 5.01 -12.47
N VAL A 181 24.63 4.36 -12.70
CA VAL A 181 25.85 5.13 -12.95
C VAL A 181 25.71 5.90 -14.25
N PHE A 182 25.18 5.24 -15.27
CA PHE A 182 24.94 5.87 -16.56
C PHE A 182 23.73 6.79 -16.51
N SER A 183 23.60 7.57 -17.58
CA SER A 183 22.49 8.50 -17.75
C SER A 183 21.20 7.74 -18.02
N HIS A 184 20.08 8.32 -17.62
CA HIS A 184 18.81 7.71 -17.94
C HIS A 184 18.37 8.00 -19.37
N ARG A 185 19.12 8.83 -20.10
CA ARG A 185 18.74 9.16 -21.47
C ARG A 185 19.89 9.14 -22.47
N LEU A 186 21.12 9.46 -22.10
CA LEU A 186 22.25 9.45 -23.02
C LEU A 186 22.82 8.05 -23.15
N THR A 187 23.00 7.62 -24.39
CA THR A 187 23.39 6.26 -24.72
C THR A 187 24.86 6.02 -24.41
N VAL A 188 25.17 4.86 -23.85
CA VAL A 188 26.56 4.52 -23.54
C VAL A 188 27.11 3.74 -24.72
N HIS A 189 28.13 4.29 -25.38
CA HIS A 189 28.73 3.65 -26.55
C HIS A 189 29.99 2.87 -26.22
N ARG A 190 30.57 3.08 -25.05
CA ARG A 190 31.73 2.28 -24.65
C ARG A 190 31.69 2.16 -23.13
N LYS A 191 32.24 1.07 -22.59
CA LYS A 191 32.30 0.99 -21.13
C LYS A 191 33.45 0.11 -20.66
N TYR A 192 34.08 0.55 -19.57
CA TYR A 192 35.20 -0.14 -18.94
C TYR A 192 34.90 -0.37 -17.46
N ASP A 193 35.42 -1.48 -16.94
CA ASP A 193 35.43 -1.79 -15.52
C ASP A 193 36.89 -1.83 -15.09
N LEU A 194 37.31 -0.85 -14.30
CA LEU A 194 38.72 -0.65 -13.99
C LEU A 194 38.97 -0.88 -12.51
N LYS A 195 39.99 -1.71 -12.22
CA LYS A 195 40.42 -1.94 -10.85
C LYS A 195 41.82 -1.43 -10.57
N GLY A 196 42.63 -1.21 -11.60
CA GLY A 196 44.00 -0.78 -11.43
C GLY A 196 44.93 -1.84 -10.90
N SER A 197 44.52 -3.11 -10.90
CA SER A 197 45.23 -4.11 -10.13
C SER A 197 46.43 -4.66 -10.89
N THR A 198 47.30 -5.33 -10.15
CA THR A 198 48.62 -5.66 -10.66
C THR A 198 48.55 -6.61 -11.86
N VAL A 199 47.71 -7.67 -11.79
CA VAL A 199 47.73 -8.75 -12.79
C VAL A 199 46.60 -8.57 -13.79
N ALA A 200 46.87 -9.05 -15.02
CA ALA A 200 46.20 -8.55 -16.21
C ALA A 200 44.70 -8.74 -16.15
N ARG A 201 43.97 -7.69 -16.53
CA ARG A 201 42.53 -7.72 -16.73
C ARG A 201 42.27 -7.18 -18.14
N GLU A 202 42.07 -8.09 -19.08
CA GLU A 202 41.53 -7.75 -20.38
C GLU A 202 40.13 -8.36 -20.47
N ALA A 203 39.31 -7.79 -21.34
CA ALA A 203 37.98 -8.35 -21.55
C ALA A 203 38.08 -9.61 -22.41
N SER A 204 37.11 -10.50 -22.22
CA SER A 204 37.14 -11.83 -22.83
C SER A 204 36.93 -11.76 -24.34
N ASP A 205 37.13 -12.91 -25.00
CA ASP A 205 36.70 -13.04 -26.39
C ASP A 205 35.18 -13.05 -26.50
N LYS A 206 34.52 -13.82 -25.63
CA LYS A 206 33.07 -13.78 -25.55
C LYS A 206 32.58 -12.38 -25.21
N GLU A 207 33.16 -11.75 -24.18
CA GLU A 207 32.72 -10.40 -23.81
C GLU A 207 33.03 -9.39 -24.91
N LYS A 208 34.23 -9.47 -25.52
CA LYS A 208 34.60 -8.52 -26.56
C LYS A 208 33.77 -8.68 -27.82
N ALA A 209 33.19 -9.85 -28.04
CA ALA A 209 32.28 -10.03 -29.17
C ALA A 209 30.84 -9.69 -28.83
N LYS A 210 30.54 -9.35 -27.57
CA LYS A 210 29.21 -8.95 -27.18
C LYS A 210 28.88 -7.58 -27.78
N ASP A 211 27.67 -7.09 -27.49
CA ASP A 211 27.21 -5.85 -28.10
C ASP A 211 27.93 -4.66 -27.49
N LEU A 212 27.78 -4.47 -26.20
CA LEU A 212 28.50 -3.42 -25.49
C LEU A 212 29.45 -4.08 -24.50
N PRO A 213 30.64 -4.47 -24.95
CA PRO A 213 31.58 -5.18 -24.06
C PRO A 213 31.99 -4.33 -22.87
N THR A 214 32.09 -4.98 -21.71
CA THR A 214 32.69 -4.36 -20.54
C THR A 214 34.20 -4.56 -20.64
N PHE A 215 34.90 -3.52 -21.05
CA PHE A 215 36.34 -3.65 -21.18
C PHE A 215 36.99 -3.51 -19.82
N LYS A 216 38.27 -3.82 -19.77
CA LYS A 216 38.96 -3.83 -18.50
C LYS A 216 40.25 -3.02 -18.60
N ASP A 217 41.09 -3.12 -17.57
CA ASP A 217 42.23 -2.21 -17.44
C ASP A 217 43.10 -2.22 -18.68
N ASN A 218 43.64 -3.39 -19.03
CA ASN A 218 44.61 -3.44 -20.11
C ASN A 218 43.97 -3.11 -21.45
N ASP A 219 42.69 -3.41 -21.64
CA ASP A 219 41.99 -2.93 -22.83
C ASP A 219 42.07 -1.41 -22.92
N PHE A 220 41.75 -0.73 -21.81
CA PHE A 220 41.84 0.72 -21.75
C PHE A 220 43.25 1.19 -22.06
N LEU A 221 44.26 0.55 -21.47
CA LEU A 221 45.64 0.97 -21.66
C LEU A 221 46.05 0.83 -23.13
N ASN A 222 45.87 -0.36 -23.69
CA ASN A 222 46.29 -0.65 -25.07
C ASN A 222 45.35 -0.07 -26.10
N GLU A 223 44.25 0.58 -25.70
CA GLU A 223 43.51 1.45 -26.60
C GLU A 223 44.05 2.88 -26.61
N GLY A 224 44.99 3.19 -25.72
CA GLY A 224 45.55 4.53 -25.65
C GLY A 224 44.54 5.58 -25.27
N GLN A 225 43.35 5.16 -24.86
CA GLN A 225 42.30 6.11 -24.52
C GLN A 225 42.74 6.99 -23.36
N LYS A 226 42.53 8.29 -23.51
CA LYS A 226 42.54 9.25 -22.42
C LYS A 226 41.15 9.84 -22.29
N LEU A 227 40.91 10.56 -21.21
CA LEU A 227 39.61 11.19 -20.95
C LEU A 227 39.86 12.66 -20.61
N HIS A 228 39.64 13.54 -21.58
CA HIS A 228 39.80 14.98 -21.37
C HIS A 228 38.50 15.54 -20.83
N VAL A 229 38.50 16.00 -19.57
CA VAL A 229 37.34 16.66 -18.97
C VAL A 229 37.65 18.06 -18.47
N GLY A 230 38.88 18.51 -18.49
CA GLY A 230 39.14 19.86 -18.03
C GLY A 230 39.17 20.00 -16.52
N GLU A 231 39.73 21.14 -16.08
CA GLU A 231 40.35 21.23 -14.76
C GLU A 231 39.34 21.16 -13.62
N GLU A 232 38.28 21.98 -13.67
CA GLU A 232 37.38 22.04 -12.53
C GLU A 232 36.69 20.69 -12.29
N SER A 233 36.26 20.02 -13.38
CA SER A 233 35.70 18.69 -13.21
C SER A 233 36.75 17.70 -12.75
N LYS A 234 37.97 17.77 -13.30
CA LYS A 234 38.99 16.83 -12.87
C LYS A 234 39.23 16.93 -11.37
N LYS A 235 39.28 18.16 -10.85
CA LYS A 235 39.56 18.33 -9.43
C LYS A 235 38.40 17.82 -8.59
N ASN A 236 37.16 18.21 -8.95
CA ASN A 236 36.01 17.70 -8.19
C ASN A 236 36.04 16.18 -8.12
N PHE A 237 36.28 15.54 -9.28
CA PHE A 237 36.28 14.09 -9.37
C PHE A 237 37.37 13.47 -8.52
N LEU A 238 38.61 13.96 -8.66
CA LEU A 238 39.73 13.38 -7.91
C LEU A 238 39.56 13.56 -6.40
N GLU A 239 38.89 14.64 -5.98
CA GLU A 239 38.69 14.83 -4.55
C GLU A 239 37.64 13.86 -4.01
N LYS A 240 36.54 13.70 -4.74
CA LYS A 240 35.61 12.62 -4.44
C LYS A 240 36.32 11.28 -4.35
N LEU A 241 37.23 11.02 -5.29
CA LEU A 241 37.86 9.71 -5.35
C LEU A 241 38.75 9.48 -4.14
N LYS A 242 39.57 10.48 -3.79
CA LYS A 242 40.41 10.34 -2.60
C LYS A 242 39.57 10.05 -1.36
N ARG A 243 38.53 10.86 -1.13
CA ARG A 243 37.72 10.65 0.06
C ARG A 243 37.05 9.27 0.04
N ASP A 244 36.43 8.89 -1.09
CA ASP A 244 35.74 7.61 -1.18
C ASP A 244 36.68 6.44 -0.92
N VAL A 245 37.80 6.41 -1.63
CA VAL A 245 38.65 5.23 -1.53
C VAL A 245 39.33 5.14 -0.16
N GLU A 246 39.57 6.28 0.50
CA GLU A 246 40.09 6.16 1.86
C GLU A 246 39.01 5.67 2.81
N PHE A 247 37.76 6.08 2.57
CA PHE A 247 36.63 5.54 3.32
C PHE A 247 36.56 4.02 3.20
N LEU A 248 36.65 3.51 1.97
CA LEU A 248 36.56 2.07 1.75
C LEU A 248 37.75 1.35 2.39
N ALA A 249 38.96 1.88 2.20
CA ALA A 249 40.13 1.31 2.83
C ALA A 249 39.93 1.17 4.32
N GLN A 250 39.45 2.23 4.97
CA GLN A 250 39.25 2.16 6.41
C GLN A 250 38.12 1.21 6.77
N LEU A 251 37.15 0.97 5.87
CA LEU A 251 36.20 -0.09 6.16
C LEU A 251 36.75 -1.49 5.87
N LYS A 252 38.01 -1.59 5.42
CA LYS A 252 38.65 -2.86 5.10
C LYS A 252 37.91 -3.56 3.95
N ILE A 253 37.83 -2.86 2.81
CA ILE A 253 37.06 -3.29 1.65
C ILE A 253 37.95 -3.21 0.41
N MET A 254 37.82 -4.22 -0.46
CA MET A 254 38.69 -4.34 -1.62
C MET A 254 37.89 -4.92 -2.78
N ASP A 255 38.48 -4.86 -3.97
CA ASP A 255 38.03 -5.45 -5.24
C ASP A 255 36.95 -4.62 -5.90
N TYR A 256 36.60 -3.45 -5.35
CA TYR A 256 35.68 -2.55 -6.02
C TYR A 256 36.28 -2.07 -7.33
N SER A 257 35.42 -1.61 -8.25
CA SER A 257 35.88 -1.08 -9.52
C SER A 257 35.36 0.33 -9.73
N LEU A 258 35.96 1.02 -10.69
CA LEU A 258 35.39 2.23 -11.25
C LEU A 258 34.76 1.83 -12.58
N LEU A 259 33.48 2.15 -12.73
CA LEU A 259 32.74 1.94 -13.95
C LEU A 259 32.80 3.21 -14.76
N VAL A 260 33.16 3.08 -16.03
CA VAL A 260 33.37 4.21 -16.93
C VAL A 260 32.54 3.97 -18.19
N GLY A 261 31.51 4.78 -18.40
CA GLY A 261 30.75 4.79 -19.64
C GLY A 261 31.10 6.01 -20.48
N ILE A 262 31.28 5.79 -21.77
CA ILE A 262 31.59 6.84 -22.73
C ILE A 262 30.42 6.97 -23.71
N HIS A 263 29.91 8.20 -23.83
CA HIS A 263 28.83 8.58 -24.74
C HIS A 263 29.40 9.49 -25.84
N ASP A 264 29.25 9.06 -27.09
CA ASP A 264 29.73 9.83 -28.23
C ASP A 264 28.59 10.69 -28.76
N VAL A 265 28.75 12.01 -28.66
CA VAL A 265 27.65 12.91 -28.99
C VAL A 265 27.33 12.86 -30.49
N ASP A 266 28.36 12.91 -31.34
CA ASP A 266 28.16 12.83 -32.78
C ASP A 266 27.45 11.53 -33.15
N ARG A 267 27.91 10.43 -32.58
CA ARG A 267 27.33 9.13 -32.89
C ARG A 267 25.86 9.08 -32.49
N ALA A 268 25.51 9.69 -31.35
CA ALA A 268 24.13 9.64 -30.91
C ALA A 268 23.26 10.54 -31.77
N GLU A 269 23.80 11.67 -32.22
CA GLU A 269 23.03 12.52 -33.12
C GLU A 269 22.70 11.78 -34.39
N GLN A 270 23.64 10.97 -34.87
CA GLN A 270 23.36 10.18 -36.07
C GLN A 270 22.38 9.06 -35.77
N GLU A 271 22.53 8.36 -34.65
CA GLU A 271 21.59 7.31 -34.26
C GLU A 271 20.16 7.84 -34.15
N GLU A 272 20.00 8.98 -33.47
CA GLU A 272 18.70 9.61 -33.34
C GLU A 272 18.13 10.02 -34.69
N MET A 273 18.95 10.62 -35.56
CA MET A 273 18.44 10.99 -36.86
C MET A 273 18.06 9.76 -37.68
N GLU A 274 18.74 8.63 -37.47
CA GLU A 274 18.41 7.43 -38.23
C GLU A 274 17.07 6.85 -37.79
N VAL A 275 16.83 6.79 -36.48
CA VAL A 275 15.53 6.31 -36.01
C VAL A 275 14.43 7.30 -36.40
N GLU A 276 14.72 8.60 -36.37
CA GLU A 276 13.71 9.60 -36.74
C GLU A 276 13.42 9.57 -38.24
N GLU A 277 14.41 9.26 -39.06
CA GLU A 277 14.16 9.04 -40.49
C GLU A 277 13.32 7.78 -40.70
N ARG A 278 13.71 6.68 -40.05
CA ARG A 278 12.93 5.45 -40.14
C ARG A 278 11.51 5.65 -39.64
N ALA A 279 11.25 6.74 -38.91
CA ALA A 279 9.88 7.04 -38.53
C ALA A 279 8.98 7.33 -39.73
N GLU A 280 9.56 7.72 -40.87
CA GLU A 280 8.78 7.97 -42.09
C GLU A 280 7.97 6.73 -42.52
N GLY A 315 19.05 19.06 -24.94
CA GLY A 315 19.99 19.37 -26.00
C GLY A 315 20.72 18.16 -26.53
N PRO A 316 21.72 18.39 -27.39
CA PRO A 316 22.56 17.26 -27.84
C PRO A 316 23.79 17.12 -26.97
N GLY A 317 24.03 15.91 -26.44
CA GLY A 317 25.15 15.75 -25.52
C GLY A 317 25.11 16.69 -24.33
N GLU A 318 23.90 17.03 -23.85
CA GLU A 318 23.71 17.84 -22.66
C GLU A 318 22.83 17.07 -21.69
N PHE A 319 23.05 17.27 -20.39
CA PHE A 319 22.42 16.43 -19.38
C PHE A 319 22.06 17.24 -18.16
N ASP A 320 21.24 16.64 -17.30
CA ASP A 320 20.79 17.23 -16.05
C ASP A 320 21.68 16.70 -14.94
N PRO A 321 22.65 17.48 -14.44
CA PRO A 321 23.55 16.94 -13.40
C PRO A 321 22.85 16.59 -12.10
N SER A 322 21.70 17.23 -11.82
CA SER A 322 20.88 16.78 -10.70
C SER A 322 20.40 15.34 -10.90
N VAL A 323 20.38 14.86 -12.14
CA VAL A 323 19.88 13.53 -12.44
C VAL A 323 21.05 12.63 -12.80
N ASP A 324 21.66 12.88 -13.94
CA ASP A 324 22.87 12.16 -14.33
C ASP A 324 24.02 12.69 -13.48
N VAL A 325 24.03 12.25 -12.22
CA VAL A 325 24.91 12.83 -11.21
C VAL A 325 26.37 12.42 -11.35
N TYR A 326 26.69 11.44 -12.19
CA TYR A 326 28.09 11.07 -12.44
C TYR A 326 28.60 11.58 -13.79
N ALA A 327 27.83 12.40 -14.49
CA ALA A 327 28.14 12.75 -15.85
C ALA A 327 29.08 13.96 -15.91
N MET A 328 30.05 13.93 -16.83
CA MET A 328 30.88 15.09 -17.12
C MET A 328 31.06 15.27 -18.61
N LYS A 329 30.97 16.52 -19.05
CA LYS A 329 31.19 16.84 -20.44
C LYS A 329 32.69 16.87 -20.72
N SER A 330 33.07 16.62 -21.96
CA SER A 330 34.48 16.69 -22.29
C SER A 330 34.96 18.14 -22.38
N HIS A 331 36.25 18.32 -22.11
CA HIS A 331 36.94 19.62 -22.19
C HIS A 331 36.47 20.45 -23.38
N GLU A 332 36.33 21.76 -23.16
CA GLU A 332 35.96 22.69 -24.24
C GLU A 332 36.90 22.59 -25.43
N SER A 333 38.14 22.13 -25.23
CA SER A 333 39.13 21.97 -26.29
C SER A 333 39.41 20.50 -26.59
N SER A 334 38.40 19.63 -26.44
CA SER A 334 38.52 18.18 -26.60
C SER A 334 38.29 17.79 -28.04
N PRO A 335 38.83 16.63 -28.47
CA PRO A 335 38.82 16.26 -29.90
C PRO A 335 37.41 15.94 -30.41
N LYS A 336 36.76 14.97 -29.79
CA LYS A 336 35.37 14.64 -30.08
C LYS A 336 34.54 15.09 -28.89
N LYS A 337 33.37 15.67 -29.17
CA LYS A 337 32.45 16.02 -28.09
C LYS A 337 31.91 14.73 -27.47
N GLU A 338 32.16 14.53 -26.18
CA GLU A 338 31.83 13.30 -25.49
C GLU A 338 31.20 13.63 -24.15
N VAL A 339 30.53 12.66 -23.55
CA VAL A 339 30.15 12.72 -22.14
C VAL A 339 30.56 11.43 -21.46
N TYR A 340 31.16 11.54 -20.28
CA TYR A 340 31.55 10.36 -19.54
C TYR A 340 30.73 10.23 -18.27
N PHE A 341 30.63 8.98 -17.80
CA PHE A 341 29.97 8.63 -16.56
C PHE A 341 30.91 7.71 -15.79
N MET A 342 31.31 8.14 -14.59
CA MET A 342 32.33 7.41 -13.85
C MET A 342 31.90 7.30 -12.40
N ALA A 343 31.96 6.09 -11.87
CA ALA A 343 31.49 5.87 -10.50
C ALA A 343 32.17 4.63 -9.94
N ILE A 344 32.13 4.49 -8.64
CA ILE A 344 32.64 3.27 -8.02
C ILE A 344 31.49 2.29 -7.95
N ILE A 345 31.78 1.00 -8.14
CA ILE A 345 30.79 -0.06 -7.98
C ILE A 345 31.43 -1.27 -7.31
N ASP A 346 30.55 -2.22 -6.93
CA ASP A 346 30.88 -3.49 -6.28
C ASP A 346 31.72 -3.28 -5.03
N ILE A 347 31.08 -2.70 -4.02
CA ILE A 347 31.71 -2.49 -2.73
C ILE A 347 31.13 -3.42 -1.67
N LEU A 348 30.25 -4.35 -2.06
CA LEU A 348 29.73 -5.32 -1.11
C LEU A 348 30.44 -6.68 -1.23
N THR A 349 30.28 -7.36 -2.38
CA THR A 349 30.95 -8.61 -2.83
C THR A 349 29.95 -9.48 -3.60
N THR A 374 47.86 -10.98 -2.01
CA THR A 374 48.90 -10.06 -2.47
C THR A 374 48.68 -8.65 -1.94
N VAL A 375 47.43 -8.19 -1.96
CA VAL A 375 47.08 -6.81 -1.67
C VAL A 375 46.22 -6.74 -0.41
N ASN A 376 46.44 -5.67 0.38
CA ASN A 376 45.66 -5.22 1.52
C ASN A 376 44.76 -4.04 1.11
N PRO A 377 43.72 -3.75 1.88
CA PRO A 377 42.80 -2.67 1.46
C PRO A 377 43.43 -1.28 1.43
N GLU A 378 44.37 -0.95 2.33
CA GLU A 378 45.08 0.32 2.16
C GLU A 378 45.83 0.35 0.84
N GLN A 379 46.52 -0.76 0.52
CA GLN A 379 47.21 -0.85 -0.77
C GLN A 379 46.23 -0.83 -1.93
N TYR A 380 45.09 -1.51 -1.80
CA TYR A 380 44.06 -1.44 -2.83
C TYR A 380 43.66 0.00 -3.06
N SER A 381 43.38 0.74 -1.98
CA SER A 381 43.06 2.15 -2.07
C SER A 381 44.11 2.91 -2.88
N LYS A 382 45.39 2.73 -2.51
CA LYS A 382 46.47 3.46 -3.16
C LYS A 382 46.51 3.17 -4.66
N ARG A 383 46.60 1.89 -5.04
CA ARG A 383 46.70 1.54 -6.46
C ARG A 383 45.49 2.02 -7.24
N PHE A 384 44.28 1.83 -6.67
CA PHE A 384 43.06 2.29 -7.34
C PHE A 384 43.13 3.79 -7.60
N ASN A 385 43.49 4.57 -6.58
CA ASN A 385 43.49 6.02 -6.74
C ASN A 385 44.50 6.46 -7.79
N GLU A 386 45.66 5.79 -7.85
CA GLU A 386 46.66 6.17 -8.84
C GLU A 386 46.19 5.87 -10.26
N PHE A 387 45.63 4.67 -10.46
CA PHE A 387 45.16 4.28 -11.79
C PHE A 387 44.03 5.19 -12.25
N MET A 388 43.09 5.50 -11.35
CA MET A 388 41.99 6.37 -11.76
C MET A 388 42.46 7.81 -11.95
N SER A 389 43.41 8.30 -11.16
CA SER A 389 43.85 9.65 -11.43
C SER A 389 44.60 9.77 -12.74
N ASN A 390 45.28 8.71 -13.17
CA ASN A 390 45.90 8.75 -14.49
C ASN A 390 44.94 8.38 -15.60
N ILE A 391 43.68 8.07 -15.27
CA ILE A 391 42.68 7.79 -16.29
C ILE A 391 42.47 8.99 -17.19
N LEU A 392 42.56 10.18 -16.62
CA LEU A 392 42.00 11.35 -17.29
C LEU A 392 42.95 12.54 -17.21
N THR A 393 43.13 13.20 -18.34
CA THR A 393 43.81 14.48 -18.43
C THR A 393 42.87 15.63 -18.03
N VAL B 10 -0.70 12.26 6.16
CA VAL B 10 -0.21 11.19 7.03
C VAL B 10 -1.40 10.54 7.77
N LYS B 11 -1.45 9.21 7.80
CA LYS B 11 -2.56 8.48 8.42
C LYS B 11 -2.01 7.64 9.59
N LEU B 12 -1.69 8.30 10.69
CA LEU B 12 -1.36 7.58 11.90
C LEU B 12 -2.60 6.82 12.37
N PHE B 13 -2.44 5.55 12.70
CA PHE B 13 -3.60 4.77 13.08
C PHE B 13 -3.75 4.72 14.60
N ARG B 14 -3.98 5.91 15.19
CA ARG B 14 -4.10 6.04 16.63
C ARG B 14 -5.50 5.63 17.09
N ALA B 15 -5.57 4.81 18.13
CA ALA B 15 -6.84 4.20 18.50
C ALA B 15 -6.81 3.82 19.97
N SER B 16 -8.01 3.61 20.53
CA SER B 16 -8.13 3.25 21.94
C SER B 16 -7.47 1.90 22.22
N GLU B 17 -7.83 0.87 21.43
CA GLU B 17 -7.27 -0.45 21.53
C GLU B 17 -6.39 -0.75 20.31
N PRO B 18 -5.31 -1.49 20.50
CA PRO B 18 -4.53 -1.93 19.32
C PRO B 18 -5.38 -2.64 18.29
N ILE B 19 -6.43 -3.33 18.71
CA ILE B 19 -7.28 -4.01 17.75
C ILE B 19 -7.98 -3.01 16.83
N LEU B 20 -8.35 -1.85 17.34
CA LEU B 20 -8.91 -0.84 16.46
C LEU B 20 -7.83 -0.25 15.55
N SER B 21 -6.58 -0.19 16.02
CA SER B 21 -5.50 0.26 15.15
C SER B 21 -5.27 -0.72 14.01
N VAL B 22 -5.33 -2.03 14.31
CA VAL B 22 -5.17 -3.00 13.25
C VAL B 22 -6.36 -2.94 12.32
N LEU B 23 -7.57 -2.70 12.83
CA LEU B 23 -8.72 -2.63 11.95
C LEU B 23 -8.59 -1.46 10.98
N MET B 24 -8.26 -0.28 11.50
CA MET B 24 -7.98 0.88 10.67
C MET B 24 -6.88 0.60 9.64
N TRP B 25 -5.73 0.11 10.11
CA TRP B 25 -4.67 -0.24 9.16
C TRP B 25 -5.18 -1.20 8.10
N GLY B 26 -5.96 -2.21 8.53
CA GLY B 26 -6.39 -3.26 7.61
C GLY B 26 -7.36 -2.76 6.55
N VAL B 27 -8.38 -1.98 6.95
CA VAL B 27 -9.30 -1.45 5.97
C VAL B 27 -8.56 -0.57 4.97
N ASN B 28 -7.71 0.33 5.49
CA ASN B 28 -6.87 1.14 4.61
C ASN B 28 -6.11 0.29 3.61
N HIS B 29 -5.44 -0.75 4.11
CA HIS B 29 -4.61 -1.57 3.26
C HIS B 29 -5.42 -2.32 2.19
N THR B 30 -6.55 -2.90 2.58
CA THR B 30 -7.27 -3.73 1.63
C THR B 30 -8.00 -2.89 0.61
N ILE B 31 -8.52 -1.72 1.02
CA ILE B 31 -9.15 -0.85 0.05
C ILE B 31 -8.12 -0.28 -0.92
N ASN B 32 -6.92 0.10 -0.43
CA ASN B 32 -5.93 0.58 -1.38
C ASN B 32 -5.53 -0.51 -2.35
N GLU B 33 -5.38 -1.75 -1.86
CA GLU B 33 -5.03 -2.86 -2.73
C GLU B 33 -6.15 -3.10 -3.76
N LEU B 34 -7.41 -3.06 -3.32
CA LEU B 34 -8.53 -3.21 -4.25
C LEU B 34 -8.55 -2.11 -5.30
N SER B 35 -8.06 -0.92 -4.97
CA SER B 35 -8.10 0.08 -6.03
C SER B 35 -7.17 -0.30 -7.16
N ASN B 36 -6.32 -1.31 -6.94
CA ASN B 36 -5.50 -1.83 -8.01
C ASN B 36 -6.06 -3.09 -8.62
N VAL B 37 -7.23 -3.55 -8.17
CA VAL B 37 -7.88 -4.71 -8.75
C VAL B 37 -9.06 -4.23 -9.60
N PRO B 38 -9.04 -4.49 -10.91
CA PRO B 38 -10.16 -4.07 -11.78
C PRO B 38 -11.51 -4.56 -11.29
N VAL B 39 -12.52 -3.74 -11.52
CA VAL B 39 -13.91 -4.09 -11.27
C VAL B 39 -14.37 -5.06 -12.35
N PRO B 40 -14.69 -6.31 -12.02
CA PRO B 40 -14.99 -7.30 -13.05
C PRO B 40 -16.34 -7.04 -13.67
N VAL B 41 -16.59 -7.70 -14.81
CA VAL B 41 -17.91 -7.63 -15.43
C VAL B 41 -18.95 -8.36 -14.60
N MET B 42 -18.53 -9.25 -13.71
CA MET B 42 -19.47 -9.99 -12.88
C MET B 42 -18.66 -10.65 -11.78
N LEU B 43 -19.36 -11.05 -10.74
CA LEU B 43 -18.72 -11.89 -9.73
C LEU B 43 -18.73 -13.33 -10.21
N MET B 44 -17.71 -14.06 -9.81
CA MET B 44 -17.59 -15.44 -10.19
C MET B 44 -17.66 -16.29 -8.94
N PRO B 45 -17.94 -17.59 -9.07
CA PRO B 45 -18.07 -18.43 -7.87
C PRO B 45 -16.84 -18.41 -6.97
N ASP B 46 -15.62 -18.36 -7.52
CA ASP B 46 -14.44 -18.30 -6.65
C ASP B 46 -14.47 -17.06 -5.78
N ASP B 47 -15.09 -15.98 -6.26
CA ASP B 47 -15.15 -14.78 -5.42
C ASP B 47 -15.88 -15.05 -4.11
N PHE B 48 -16.76 -16.04 -4.07
CA PHE B 48 -17.52 -16.40 -2.89
C PHE B 48 -16.79 -17.41 -2.02
N LYS B 49 -15.62 -17.91 -2.46
CA LYS B 49 -14.81 -18.82 -1.65
C LYS B 49 -13.45 -18.21 -1.32
N ALA B 50 -13.30 -16.90 -1.51
CA ALA B 50 -12.00 -16.25 -1.61
C ALA B 50 -11.67 -15.37 -0.40
N TYR B 51 -10.38 -15.15 -0.16
CA TYR B 51 -9.99 -14.18 0.87
C TYR B 51 -8.61 -13.60 0.59
N SER B 52 -8.33 -12.48 1.24
CA SER B 52 -6.96 -11.99 1.34
C SER B 52 -6.49 -12.11 2.78
N LYS B 53 -5.20 -12.39 2.97
CA LYS B 53 -4.58 -12.48 4.28
C LYS B 53 -3.21 -11.83 4.20
N ILE B 54 -2.89 -10.99 5.18
CA ILE B 54 -1.54 -10.46 5.27
C ILE B 54 -1.08 -10.56 6.71
N LYS B 55 0.18 -10.95 6.90
CA LYS B 55 0.81 -10.97 8.22
C LYS B 55 1.90 -9.91 8.25
N VAL B 56 1.86 -9.04 9.26
CA VAL B 56 2.85 -8.01 9.48
C VAL B 56 3.76 -8.40 10.65
N ASP B 57 5.07 -8.33 10.41
CA ASP B 57 6.10 -8.58 11.41
C ASP B 57 7.10 -7.43 11.29
N ASN B 58 6.98 -6.42 12.13
CA ASN B 58 7.89 -5.28 12.11
C ASN B 58 8.81 -5.35 13.31
N HIS B 59 10.09 -5.09 13.07
CA HIS B 59 11.07 -5.10 14.14
C HIS B 59 11.64 -3.69 14.29
N LEU B 60 11.41 -3.08 15.44
CA LEU B 60 11.85 -1.73 15.76
C LEU B 60 11.48 -0.71 14.67
N PHE B 61 10.25 -0.77 14.20
CA PHE B 61 9.82 0.10 13.12
C PHE B 61 8.32 0.29 13.15
N ASN B 62 7.86 1.55 13.13
CA ASN B 62 6.45 1.89 12.98
C ASN B 62 5.61 1.35 14.13
N LYS B 63 6.25 1.15 15.29
CA LYS B 63 5.62 0.62 16.49
C LYS B 63 4.81 1.67 17.24
N GLU B 64 4.78 2.91 16.75
CA GLU B 64 4.23 4.02 17.55
C GLU B 64 2.74 3.89 17.75
N ASN B 65 2.00 3.31 16.81
CA ASN B 65 0.58 3.11 17.00
C ASN B 65 0.08 1.73 16.64
N LEU B 66 0.76 1.00 15.79
CA LEU B 66 0.34 -0.35 15.48
C LEU B 66 1.12 -1.35 16.33
N PRO B 67 0.54 -2.53 16.60
CA PRO B 67 1.38 -3.65 17.04
C PRO B 67 2.45 -3.96 15.99
N SER B 68 3.61 -4.39 16.47
CA SER B 68 4.68 -4.81 15.56
C SER B 68 4.33 -6.08 14.80
N ARG B 69 3.52 -6.96 15.41
CA ARG B 69 3.11 -8.22 14.81
C ARG B 69 1.61 -8.27 14.84
N PHE B 70 1.01 -8.60 13.70
CA PHE B 70 -0.44 -8.76 13.64
C PHE B 70 -0.80 -9.39 12.30
N LYS B 71 -2.06 -9.80 12.18
CA LYS B 71 -2.59 -10.39 10.95
C LYS B 71 -3.93 -9.77 10.64
N PHE B 72 -4.26 -9.79 9.35
CA PHE B 72 -5.52 -9.25 8.85
C PHE B 72 -5.98 -10.11 7.68
N LYS B 73 -7.24 -10.54 7.74
CA LYS B 73 -7.88 -11.39 6.75
C LYS B 73 -9.19 -10.75 6.30
N GLU B 74 -9.40 -10.66 4.99
CA GLU B 74 -10.65 -10.13 4.49
C GLU B 74 -11.35 -11.21 3.70
N TYR B 75 -12.57 -11.54 4.12
CA TYR B 75 -13.33 -12.57 3.45
C TYR B 75 -13.91 -12.02 2.18
N CYS B 76 -13.71 -12.69 1.04
CA CYS B 76 -14.48 -12.37 -0.17
C CYS B 76 -14.40 -10.88 -0.50
N PRO B 77 -13.21 -10.35 -0.70
CA PRO B 77 -13.14 -8.91 -0.98
C PRO B 77 -13.93 -8.47 -2.21
N MET B 78 -13.89 -9.24 -3.31
CA MET B 78 -14.62 -8.82 -4.51
C MET B 78 -16.12 -8.74 -4.27
N VAL B 79 -16.68 -9.71 -3.55
CA VAL B 79 -18.11 -9.67 -3.27
C VAL B 79 -18.46 -8.42 -2.47
N PHE B 80 -17.74 -8.17 -1.38
CA PHE B 80 -18.13 -7.05 -0.52
C PHE B 80 -17.86 -5.69 -1.19
N ARG B 81 -16.83 -5.60 -2.03
CA ARG B 81 -16.67 -4.36 -2.78
C ARG B 81 -17.86 -4.15 -3.72
N ASN B 82 -18.34 -5.24 -4.33
CA ASN B 82 -19.50 -5.11 -5.17
C ASN B 82 -20.74 -4.72 -4.37
N LEU B 83 -20.93 -5.34 -3.20
CA LEU B 83 -22.08 -4.98 -2.37
C LEU B 83 -22.00 -3.51 -1.98
N ARG B 84 -20.81 -3.05 -1.63
CA ARG B 84 -20.61 -1.64 -1.35
C ARG B 84 -21.10 -0.79 -2.51
N GLU B 85 -20.75 -1.19 -3.73
CA GLU B 85 -21.20 -0.40 -4.88
C GLU B 85 -22.72 -0.45 -5.00
N ARG B 86 -23.29 -1.63 -4.90
CA ARG B 86 -24.73 -1.82 -4.99
C ARG B 86 -25.46 -1.14 -3.83
N PHE B 87 -24.78 -0.87 -2.72
CA PHE B 87 -25.38 -0.04 -1.68
C PHE B 87 -25.05 1.44 -1.87
N GLY B 88 -24.44 1.81 -3.00
CA GLY B 88 -24.18 3.19 -3.30
C GLY B 88 -23.09 3.84 -2.47
N ILE B 89 -22.10 3.07 -2.03
CA ILE B 89 -21.04 3.54 -1.14
C ILE B 89 -19.71 3.49 -1.88
N ASP B 90 -19.04 4.64 -1.97
CA ASP B 90 -17.74 4.72 -2.62
C ASP B 90 -16.66 4.14 -1.72
N ASP B 91 -15.70 3.43 -2.32
CA ASP B 91 -14.64 2.80 -1.54
C ASP B 91 -13.78 3.82 -0.81
N GLN B 92 -13.41 4.91 -1.48
CA GLN B 92 -12.66 5.95 -0.79
C GLN B 92 -13.41 6.45 0.43
N ASP B 93 -14.73 6.59 0.32
CA ASP B 93 -15.49 7.10 1.45
C ASP B 93 -15.48 6.13 2.61
N TYR B 94 -15.79 4.85 2.33
CA TYR B 94 -15.71 3.78 3.33
C TYR B 94 -14.35 3.80 4.04
N GLN B 95 -13.29 3.72 3.25
CA GLN B 95 -11.95 3.86 3.79
C GLN B 95 -11.83 5.07 4.70
N ASN B 96 -12.33 6.23 4.27
CA ASN B 96 -12.14 7.43 5.06
C ASN B 96 -12.86 7.33 6.39
N SER B 97 -14.05 6.74 6.38
CA SER B 97 -14.83 6.63 7.62
C SER B 97 -14.19 5.65 8.59
N VAL B 98 -13.44 4.67 8.10
CA VAL B 98 -12.77 3.78 9.05
C VAL B 98 -11.44 4.34 9.49
N THR B 99 -10.70 4.98 8.59
CA THR B 99 -9.29 5.22 8.81
C THR B 99 -8.97 6.61 9.33
N ARG B 100 -9.82 7.60 9.06
CA ARG B 100 -9.37 8.96 9.31
C ARG B 100 -9.36 9.29 10.79
N SER B 101 -10.19 8.62 11.57
CA SER B 101 -10.08 8.69 13.02
C SER B 101 -10.67 7.43 13.60
N ALA B 102 -10.21 7.09 14.81
CA ALA B 102 -10.51 5.79 15.40
C ALA B 102 -12.02 5.63 15.60
N PRO B 103 -12.56 4.44 15.33
CA PRO B 103 -13.96 4.19 15.70
C PRO B 103 -14.14 4.27 17.20
N ILE B 104 -15.38 4.53 17.62
CA ILE B 104 -15.70 4.78 19.02
C ILE B 104 -16.89 3.92 19.45
N ASN B 105 -16.96 3.63 20.74
CA ASN B 105 -18.05 2.82 21.32
C ASN B 105 -19.34 3.61 21.53
N ARG B 115 -18.90 -6.26 21.67
CA ARG B 115 -18.29 -5.03 21.15
C ARG B 115 -19.04 -4.48 19.92
N PHE B 116 -19.33 -3.18 19.99
CA PHE B 116 -20.12 -2.50 18.98
C PHE B 116 -19.55 -1.10 18.84
N LEU B 117 -19.09 -0.76 17.65
CA LEU B 117 -18.56 0.56 17.42
C LEU B 117 -19.29 1.21 16.26
N THR B 118 -19.11 2.52 16.13
CA THR B 118 -19.36 3.18 14.86
C THR B 118 -18.08 3.89 14.42
N THR B 119 -17.99 4.16 13.13
CA THR B 119 -16.97 5.05 12.64
C THR B 119 -17.09 6.42 13.29
N TYR B 120 -16.00 7.18 13.26
CA TYR B 120 -15.99 8.46 13.94
C TYR B 120 -17.11 9.37 13.43
N ASP B 121 -17.50 9.21 12.17
CA ASP B 121 -18.57 9.99 11.58
C ASP B 121 -19.91 9.31 11.73
N ARG B 122 -19.96 8.17 12.43
CA ARG B 122 -21.19 7.44 12.71
C ARG B 122 -21.87 6.92 11.46
N ARG B 123 -21.16 6.84 10.34
CA ARG B 123 -21.81 6.36 9.13
C ARG B 123 -21.99 4.85 9.15
N PHE B 124 -21.00 4.12 9.66
CA PHE B 124 -20.96 2.67 9.66
C PHE B 124 -20.80 2.09 11.07
N VAL B 125 -21.46 0.96 11.29
CA VAL B 125 -21.37 0.18 12.52
C VAL B 125 -20.36 -0.94 12.32
N ILE B 126 -19.54 -1.20 13.33
CA ILE B 126 -18.57 -2.28 13.33
C ILE B 126 -18.92 -3.23 14.46
N LYS B 127 -19.36 -4.43 14.12
CA LYS B 127 -19.85 -5.38 15.10
C LYS B 127 -18.88 -6.54 15.20
N THR B 128 -18.44 -6.82 16.42
CA THR B 128 -17.70 -8.03 16.71
C THR B 128 -18.64 -9.23 16.67
N VAL B 129 -18.14 -10.35 16.20
CA VAL B 129 -19.01 -11.40 15.70
C VAL B 129 -18.39 -12.75 15.99
N SER B 130 -19.24 -13.77 16.17
CA SER B 130 -18.74 -15.12 16.45
C SER B 130 -18.13 -15.73 15.20
N SER B 131 -17.33 -16.77 15.41
CA SER B 131 -16.81 -17.52 14.27
C SER B 131 -17.93 -18.27 13.56
N GLU B 132 -18.91 -18.77 14.31
CA GLU B 132 -20.05 -19.38 13.66
C GLU B 132 -20.83 -18.36 12.83
N ASP B 133 -20.86 -17.09 13.26
CA ASP B 133 -21.54 -16.11 12.42
C ASP B 133 -20.86 -15.98 11.07
N VAL B 134 -19.52 -15.98 11.07
CA VAL B 134 -18.77 -15.93 9.83
C VAL B 134 -19.12 -17.15 8.96
N ALA B 135 -19.32 -18.29 9.60
CA ALA B 135 -19.77 -19.47 8.85
C ALA B 135 -21.17 -19.26 8.29
N GLU B 136 -22.05 -18.66 9.06
CA GLU B 136 -23.39 -18.41 8.55
C GLU B 136 -23.36 -17.38 7.42
N MET B 137 -22.45 -16.41 7.52
CA MET B 137 -22.31 -15.41 6.45
C MET B 137 -21.82 -16.06 5.17
N HIS B 138 -20.83 -16.94 5.27
N HIS B 138 -20.80 -16.91 5.28
CA HIS B 138 -20.40 -17.66 4.09
CA HIS B 138 -20.40 -17.71 4.13
C HIS B 138 -21.46 -18.61 3.56
C HIS B 138 -21.58 -18.46 3.55
N ASN B 139 -22.40 -19.06 4.42
CA ASN B 139 -23.50 -19.88 3.93
C ASN B 139 -24.57 -19.04 3.25
N ILE B 140 -24.80 -17.81 3.69
CA ILE B 140 -25.87 -17.02 3.07
C ILE B 140 -25.38 -16.06 2.01
N LEU B 141 -24.07 -15.87 1.84
CA LEU B 141 -23.57 -14.68 1.15
C LEU B 141 -23.96 -14.65 -0.32
N LYS B 142 -23.97 -15.80 -1.00
CA LYS B 142 -24.22 -15.82 -2.44
C LYS B 142 -25.69 -15.55 -2.75
N LYS B 143 -26.59 -16.24 -2.06
CA LYS B 143 -28.01 -15.92 -2.15
C LYS B 143 -28.30 -14.49 -1.70
N TYR B 144 -27.55 -13.99 -0.71
CA TYR B 144 -27.81 -12.64 -0.23
C TYR B 144 -27.36 -11.61 -1.26
N HIS B 145 -26.24 -11.89 -1.95
CA HIS B 145 -25.81 -11.02 -3.03
C HIS B 145 -26.83 -10.98 -4.14
N GLN B 146 -27.29 -12.16 -4.60
CA GLN B 146 -28.24 -12.10 -5.69
C GLN B 146 -29.56 -11.50 -5.24
N PHE B 147 -29.90 -11.57 -3.96
CA PHE B 147 -31.09 -10.85 -3.52
C PHE B 147 -30.86 -9.35 -3.59
N ILE B 148 -29.70 -8.87 -3.13
CA ILE B 148 -29.37 -7.45 -3.25
C ILE B 148 -29.42 -7.02 -4.72
N VAL B 149 -28.98 -7.89 -5.62
CA VAL B 149 -29.08 -7.64 -7.06
C VAL B 149 -30.54 -7.48 -7.49
N GLU B 150 -31.38 -8.48 -7.16
CA GLU B 150 -32.73 -8.53 -7.69
C GLU B 150 -33.62 -7.44 -7.09
N CYS B 151 -33.30 -6.97 -5.88
CA CYS B 151 -34.05 -5.88 -5.27
C CYS B 151 -33.35 -4.53 -5.49
N HIS B 152 -32.44 -4.48 -6.47
CA HIS B 152 -31.69 -3.29 -6.84
C HIS B 152 -31.21 -2.53 -5.62
N GLY B 153 -30.82 -3.27 -4.60
CA GLY B 153 -30.22 -2.67 -3.44
C GLY B 153 -31.11 -1.81 -2.57
N ASN B 154 -32.43 -1.86 -2.75
CA ASN B 154 -33.31 -1.21 -1.77
C ASN B 154 -33.95 -2.30 -0.92
N THR B 155 -33.46 -2.40 0.30
CA THR B 155 -33.90 -3.39 1.25
C THR B 155 -33.92 -2.72 2.60
N LEU B 156 -34.46 -3.43 3.57
CA LEU B 156 -34.24 -3.08 4.96
C LEU B 156 -33.35 -4.09 5.66
N LEU B 157 -32.87 -5.11 4.93
CA LEU B 157 -31.91 -6.03 5.47
C LEU B 157 -30.67 -5.28 5.91
N PRO B 158 -29.88 -5.85 6.82
CA PRO B 158 -28.56 -5.28 7.09
C PRO B 158 -27.75 -5.23 5.81
N GLN B 159 -27.04 -4.12 5.61
CA GLN B 159 -26.14 -3.95 4.45
C GLN B 159 -24.73 -4.33 4.89
N PHE B 160 -24.29 -5.51 4.45
CA PHE B 160 -22.94 -5.96 4.78
C PHE B 160 -21.94 -5.27 3.86
N LEU B 161 -21.02 -4.51 4.46
CA LEU B 161 -20.03 -3.72 3.72
C LEU B 161 -18.64 -4.34 3.70
N GLY B 162 -18.32 -5.16 4.70
CA GLY B 162 -17.06 -5.88 4.72
C GLY B 162 -17.00 -6.79 5.93
N MET B 163 -16.13 -7.80 5.82
CA MET B 163 -15.99 -8.79 6.89
C MET B 163 -14.55 -9.24 7.04
N TYR B 164 -14.07 -9.18 8.28
CA TYR B 164 -12.65 -9.25 8.57
C TYR B 164 -12.37 -10.15 9.78
N ARG B 165 -11.20 -10.74 9.75
CA ARG B 165 -10.65 -11.47 10.88
C ARG B 165 -9.32 -10.81 11.23
N LEU B 166 -9.19 -10.41 12.48
CA LEU B 166 -8.03 -9.70 13.00
C LEU B 166 -7.30 -10.61 13.97
N THR B 167 -5.97 -10.61 13.90
CA THR B 167 -5.16 -11.39 14.85
C THR B 167 -4.18 -10.44 15.50
N VAL B 168 -4.43 -10.10 16.76
CA VAL B 168 -3.54 -9.25 17.53
C VAL B 168 -3.31 -9.93 18.87
N ASP B 169 -2.04 -10.13 19.21
CA ASP B 169 -1.64 -10.79 20.46
C ASP B 169 -2.06 -12.25 20.49
N GLY B 170 -2.20 -12.87 19.33
CA GLY B 170 -2.49 -14.27 19.26
C GLY B 170 -3.95 -14.65 19.25
N VAL B 171 -4.86 -13.72 19.57
CA VAL B 171 -6.28 -14.03 19.56
C VAL B 171 -6.93 -13.46 18.31
N GLU B 172 -7.78 -14.26 17.70
CA GLU B 172 -8.55 -13.89 16.52
C GLU B 172 -9.79 -13.13 16.94
N THR B 173 -10.19 -12.17 16.12
CA THR B 173 -11.39 -11.37 16.36
C THR B 173 -12.08 -11.13 15.03
N TYR B 174 -13.34 -11.51 14.92
CA TYR B 174 -14.08 -11.39 13.67
C TYR B 174 -14.98 -10.17 13.71
N MET B 175 -15.05 -9.43 12.59
CA MET B 175 -15.85 -8.21 12.57
C MET B 175 -16.61 -8.09 11.26
N VAL B 176 -17.85 -7.60 11.36
CA VAL B 176 -18.70 -7.27 10.22
C VAL B 176 -19.00 -5.78 10.26
N VAL B 177 -18.84 -5.11 9.13
CA VAL B 177 -19.12 -3.69 9.03
C VAL B 177 -20.42 -3.55 8.27
N THR B 178 -21.29 -2.68 8.76
CA THR B 178 -22.64 -2.59 8.25
C THR B 178 -23.04 -1.13 8.27
N ARG B 179 -24.08 -0.78 7.53
CA ARG B 179 -24.50 0.60 7.52
C ARG B 179 -25.34 0.89 8.76
N ASN B 180 -25.05 2.01 9.40
CA ASN B 180 -25.83 2.48 10.54
C ASN B 180 -27.31 2.58 10.18
N VAL B 181 -28.16 2.05 11.04
CA VAL B 181 -29.60 2.26 10.85
C VAL B 181 -29.98 3.68 11.19
N PHE B 182 -29.48 4.21 12.30
CA PHE B 182 -29.75 5.58 12.71
C PHE B 182 -28.95 6.58 11.87
N SER B 183 -29.45 7.82 11.87
CA SER B 183 -28.79 8.89 11.14
C SER B 183 -27.43 9.18 11.75
N HIS B 184 -26.47 9.54 10.91
CA HIS B 184 -25.12 9.89 11.35
C HIS B 184 -25.03 11.33 11.81
N ARG B 185 -26.14 12.07 11.75
CA ARG B 185 -26.22 13.42 12.26
C ARG B 185 -27.32 13.54 13.30
N LEU B 186 -28.58 13.31 12.93
CA LEU B 186 -29.71 13.61 13.80
C LEU B 186 -29.71 12.71 15.04
N THR B 187 -29.60 13.34 16.22
CA THR B 187 -29.75 12.64 17.50
C THR B 187 -30.99 11.77 17.49
N VAL B 188 -30.87 10.54 17.99
CA VAL B 188 -32.01 9.65 18.15
C VAL B 188 -32.37 9.60 19.62
N HIS B 189 -33.64 9.87 19.92
CA HIS B 189 -34.07 9.97 21.30
C HIS B 189 -34.65 8.66 21.82
N ARG B 190 -35.61 8.08 21.12
CA ARG B 190 -36.21 6.83 21.57
C ARG B 190 -35.82 5.67 20.66
N LYS B 191 -35.47 4.53 21.25
CA LYS B 191 -35.08 3.36 20.49
C LYS B 191 -36.03 2.20 20.80
N TYR B 192 -36.26 1.36 19.80
CA TYR B 192 -37.16 0.22 19.94
C TYR B 192 -36.59 -0.97 19.16
N ASP B 193 -36.54 -2.13 19.81
CA ASP B 193 -36.04 -3.38 19.23
C ASP B 193 -37.20 -4.35 19.22
N LEU B 194 -37.85 -4.52 18.08
CA LEU B 194 -39.14 -5.18 18.05
C LEU B 194 -39.06 -6.49 17.26
N LYS B 195 -39.60 -7.55 17.84
CA LYS B 195 -39.46 -8.91 17.31
C LYS B 195 -40.81 -9.60 17.16
N VAL B 199 -45.21 -14.66 23.21
CA VAL B 199 -43.96 -14.30 23.87
C VAL B 199 -43.85 -12.78 23.95
N ALA B 200 -43.90 -12.24 25.16
CA ALA B 200 -43.76 -10.81 25.40
C ALA B 200 -42.42 -10.52 26.05
N ARG B 201 -41.69 -9.56 25.49
CA ARG B 201 -40.45 -9.05 26.06
C ARG B 201 -40.53 -7.53 26.17
N GLU B 202 -39.90 -6.99 27.20
CA GLU B 202 -39.88 -5.55 27.43
C GLU B 202 -38.48 -5.17 27.93
N ALA B 203 -38.28 -3.88 28.20
CA ALA B 203 -37.05 -3.38 28.78
C ALA B 203 -37.01 -3.60 30.30
N SER B 204 -35.80 -3.76 30.82
CA SER B 204 -35.56 -4.10 32.21
C SER B 204 -35.26 -2.85 33.05
N ASP B 205 -35.67 -2.89 34.33
CA ASP B 205 -35.36 -1.79 35.25
C ASP B 205 -33.87 -1.50 35.30
N LYS B 206 -33.02 -2.51 35.06
CA LYS B 206 -31.59 -2.28 35.04
C LYS B 206 -31.12 -1.71 33.72
N GLU B 207 -31.79 -2.07 32.62
CA GLU B 207 -31.56 -1.38 31.36
C GLU B 207 -32.29 -0.04 31.31
N LYS B 208 -33.39 0.08 32.08
CA LYS B 208 -34.16 1.31 32.09
C LYS B 208 -33.35 2.48 32.61
N ALA B 209 -32.31 2.21 33.40
CA ALA B 209 -31.51 3.29 33.98
C ALA B 209 -30.36 3.64 33.06
N LYS B 210 -30.59 3.57 31.75
CA LYS B 210 -29.57 3.86 30.74
C LYS B 210 -29.92 5.15 30.02
N ASP B 211 -28.93 5.68 29.30
CA ASP B 211 -29.11 6.92 28.54
C ASP B 211 -30.21 6.76 27.49
N LEU B 212 -29.93 6.02 26.40
CA LEU B 212 -30.89 5.73 25.36
C LEU B 212 -31.40 4.31 25.54
N PRO B 213 -32.61 4.11 26.08
CA PRO B 213 -33.06 2.74 26.36
C PRO B 213 -33.29 1.93 25.09
N THR B 214 -32.94 0.65 25.16
CA THR B 214 -33.34 -0.34 24.16
C THR B 214 -34.63 -0.99 24.67
N PHE B 215 -35.77 -0.53 24.16
CA PHE B 215 -37.08 -1.07 24.55
C PHE B 215 -37.54 -2.11 23.52
N LYS B 216 -38.23 -3.13 24.01
CA LYS B 216 -38.69 -4.23 23.16
C LYS B 216 -40.20 -4.09 22.87
N ASP B 217 -40.78 -5.13 22.26
CA ASP B 217 -42.06 -4.98 21.58
C ASP B 217 -43.23 -4.81 22.55
N ASN B 218 -43.21 -5.51 23.69
CA ASN B 218 -44.31 -5.36 24.65
C ASN B 218 -44.23 -4.03 25.41
N ASP B 219 -43.02 -3.52 25.63
CA ASP B 219 -42.87 -2.16 26.13
C ASP B 219 -43.44 -1.15 25.13
N PHE B 220 -43.22 -1.38 23.85
CA PHE B 220 -43.73 -0.47 22.82
C PHE B 220 -45.26 -0.50 22.76
N LEU B 221 -45.83 -1.70 22.63
CA LEU B 221 -47.28 -1.82 22.45
C LEU B 221 -48.04 -1.03 23.50
N ASN B 222 -47.57 -1.05 24.74
CA ASN B 222 -48.19 -0.27 25.80
C ASN B 222 -47.58 1.12 25.83
N GLN B 225 -43.39 7.10 20.85
CA GLN B 225 -43.27 5.88 20.06
C GLN B 225 -44.61 5.47 19.46
N LYS B 226 -45.37 6.46 18.99
CA LYS B 226 -46.52 6.25 18.12
C LYS B 226 -46.12 6.75 16.74
N LEU B 227 -45.96 5.82 15.79
CA LEU B 227 -45.31 6.10 14.51
C LEU B 227 -46.34 6.19 13.39
N HIS B 228 -46.40 7.35 12.73
CA HIS B 228 -47.22 7.60 11.55
C HIS B 228 -46.37 8.29 10.51
N VAL B 229 -46.26 7.68 9.33
CA VAL B 229 -45.44 8.23 8.24
C VAL B 229 -46.29 8.62 7.05
N GLY B 230 -47.59 8.42 7.12
CA GLY B 230 -48.51 8.71 6.04
C GLY B 230 -48.89 7.45 5.27
N GLU B 231 -50.00 7.55 4.54
CA GLU B 231 -50.40 6.45 3.67
C GLU B 231 -49.35 6.20 2.59
N GLU B 232 -48.65 7.26 2.16
CA GLU B 232 -47.69 7.18 1.07
C GLU B 232 -46.55 6.21 1.36
N SER B 233 -45.68 6.54 2.31
CA SER B 233 -44.44 5.78 2.48
C SER B 233 -44.68 4.38 3.03
N LYS B 234 -45.76 4.20 3.80
CA LYS B 234 -46.04 2.89 4.40
C LYS B 234 -46.11 1.79 3.34
N LYS B 235 -46.68 2.10 2.17
CA LYS B 235 -46.80 1.12 1.11
C LYS B 235 -45.44 0.64 0.62
N ASN B 236 -44.58 1.59 0.24
CA ASN B 236 -43.22 1.23 -0.15
C ASN B 236 -42.52 0.48 0.97
N PHE B 237 -42.63 0.99 2.20
CA PHE B 237 -41.91 0.41 3.33
C PHE B 237 -42.30 -1.05 3.57
N LEU B 238 -43.58 -1.36 3.46
CA LEU B 238 -43.99 -2.71 3.78
C LEU B 238 -43.90 -3.66 2.59
N GLU B 239 -44.02 -3.16 1.35
CA GLU B 239 -43.55 -3.94 0.22
C GLU B 239 -42.12 -4.41 0.47
N LYS B 240 -41.25 -3.47 0.83
CA LYS B 240 -39.85 -3.82 1.08
C LYS B 240 -39.73 -4.84 2.20
N LEU B 241 -40.42 -4.61 3.32
CA LEU B 241 -40.27 -5.49 4.48
C LEU B 241 -40.76 -6.91 4.16
N LYS B 242 -41.90 -7.02 3.45
CA LYS B 242 -42.41 -8.34 3.11
C LYS B 242 -41.42 -9.07 2.21
N ARG B 243 -40.86 -8.39 1.21
CA ARG B 243 -39.87 -9.04 0.36
C ARG B 243 -38.69 -9.54 1.19
N ASP B 244 -38.18 -8.66 2.07
CA ASP B 244 -37.02 -9.01 2.88
C ASP B 244 -37.28 -10.24 3.74
N VAL B 245 -38.34 -10.21 4.56
CA VAL B 245 -38.51 -11.30 5.51
C VAL B 245 -39.01 -12.57 4.83
N GLU B 246 -39.61 -12.47 3.65
CA GLU B 246 -39.83 -13.69 2.87
C GLU B 246 -38.51 -14.33 2.45
N PHE B 247 -37.56 -13.53 1.97
CA PHE B 247 -36.25 -14.10 1.63
C PHE B 247 -35.58 -14.70 2.88
N LEU B 248 -35.68 -13.99 4.00
CA LEU B 248 -35.03 -14.47 5.23
C LEU B 248 -35.63 -15.79 5.69
N ALA B 249 -36.96 -15.89 5.67
CA ALA B 249 -37.61 -17.15 6.01
C ALA B 249 -37.20 -18.25 5.04
N GLN B 250 -37.15 -17.95 3.74
CA GLN B 250 -36.66 -18.93 2.79
C GLN B 250 -35.25 -19.39 3.16
N LEU B 251 -34.45 -18.55 3.81
CA LEU B 251 -33.12 -18.94 4.28
C LEU B 251 -33.15 -19.71 5.62
N LYS B 252 -34.33 -20.02 6.15
CA LYS B 252 -34.48 -20.63 7.47
C LYS B 252 -33.80 -19.80 8.56
N ILE B 253 -33.71 -18.48 8.35
CA ILE B 253 -33.21 -17.53 9.34
C ILE B 253 -34.39 -17.06 10.18
N MET B 254 -34.17 -16.98 11.49
CA MET B 254 -35.24 -16.58 12.40
C MET B 254 -34.65 -15.76 13.55
N ASP B 255 -35.53 -15.27 14.41
CA ASP B 255 -35.18 -14.52 15.61
C ASP B 255 -34.36 -13.26 15.28
N TYR B 256 -34.85 -12.50 14.30
CA TYR B 256 -34.27 -11.21 13.96
C TYR B 256 -35.15 -10.08 14.47
N SER B 257 -34.67 -8.84 14.33
CA SER B 257 -35.39 -7.69 14.85
C SER B 257 -35.67 -6.67 13.75
N LEU B 258 -36.68 -5.85 13.98
CA LEU B 258 -36.75 -4.56 13.32
C LEU B 258 -36.35 -3.50 14.33
N LEU B 259 -35.39 -2.67 13.94
CA LEU B 259 -34.86 -1.59 14.75
C LEU B 259 -35.56 -0.31 14.33
N VAL B 260 -36.15 0.39 15.31
CA VAL B 260 -36.81 1.68 15.10
C VAL B 260 -36.11 2.71 15.98
N GLY B 261 -35.82 3.88 15.39
CA GLY B 261 -35.34 5.02 16.15
C GLY B 261 -36.24 6.21 15.90
N ILE B 262 -36.38 7.03 16.94
CA ILE B 262 -37.24 8.22 16.92
C ILE B 262 -36.37 9.41 17.30
N HIS B 263 -36.28 10.39 16.41
CA HIS B 263 -35.65 11.68 16.64
C HIS B 263 -36.75 12.73 16.69
N ASP B 264 -36.73 13.56 17.75
CA ASP B 264 -37.78 14.53 18.02
C ASP B 264 -37.30 15.93 17.72
N VAL B 265 -37.81 16.51 16.62
CA VAL B 265 -37.28 17.78 16.10
C VAL B 265 -37.35 18.88 17.15
N ASP B 266 -38.56 19.16 17.65
CA ASP B 266 -38.73 20.26 18.58
C ASP B 266 -37.75 20.15 19.73
N ARG B 267 -37.54 18.93 20.23
CA ARG B 267 -36.59 18.75 21.33
C ARG B 267 -35.17 19.09 20.88
N ALA B 268 -34.80 18.66 19.68
CA ALA B 268 -33.49 18.99 19.14
C ALA B 268 -33.27 20.49 19.11
N GLU B 269 -34.31 21.25 18.79
CA GLU B 269 -34.20 22.71 18.82
C GLU B 269 -33.80 23.20 20.21
N GLN B 270 -34.55 22.79 21.24
CA GLN B 270 -34.23 23.19 22.62
C GLN B 270 -33.01 22.43 23.14
N ARG B 312 -23.18 26.89 6.52
CA ARG B 312 -23.35 27.33 7.91
C ARG B 312 -24.02 26.26 8.77
N PHE B 313 -25.35 26.27 8.82
CA PHE B 313 -26.11 25.50 9.80
C PHE B 313 -26.94 24.43 9.10
N PHE B 314 -26.88 23.21 9.62
CA PHE B 314 -27.93 22.26 9.30
C PHE B 314 -29.25 22.72 9.94
N GLY B 315 -30.35 22.22 9.40
CA GLY B 315 -31.66 22.54 9.94
C GLY B 315 -32.17 21.43 10.83
N PRO B 316 -33.15 21.74 11.68
CA PRO B 316 -33.76 20.69 12.49
C PRO B 316 -34.60 19.77 11.62
N GLY B 317 -34.45 18.46 11.84
CA GLY B 317 -35.09 17.52 10.96
C GLY B 317 -34.54 17.49 9.55
N GLU B 318 -33.33 17.98 9.34
CA GLU B 318 -32.71 18.05 8.02
C GLU B 318 -31.78 16.86 7.86
N PHE B 319 -32.00 16.04 6.83
CA PHE B 319 -31.12 14.92 6.62
C PHE B 319 -30.96 14.63 5.13
N ASP B 320 -29.85 13.98 4.79
CA ASP B 320 -29.58 13.55 3.42
C ASP B 320 -30.11 12.13 3.24
N PRO B 321 -31.19 11.92 2.50
CA PRO B 321 -31.72 10.55 2.37
C PRO B 321 -30.77 9.60 1.64
N SER B 322 -29.78 10.12 0.91
CA SER B 322 -28.78 9.28 0.27
C SER B 322 -27.74 8.78 1.26
N VAL B 323 -27.62 9.44 2.42
CA VAL B 323 -26.67 9.04 3.45
C VAL B 323 -27.40 8.32 4.59
N ASP B 324 -28.39 8.99 5.18
CA ASP B 324 -29.28 8.40 6.18
C ASP B 324 -30.37 7.64 5.46
N VAL B 325 -29.96 6.48 4.93
CA VAL B 325 -30.74 5.72 3.98
C VAL B 325 -32.05 5.22 4.57
N TYR B 326 -32.14 5.13 5.90
CA TYR B 326 -33.33 4.58 6.52
C TYR B 326 -34.27 5.65 7.09
N ALA B 327 -33.90 6.92 7.01
CA ALA B 327 -34.69 7.98 7.62
C ALA B 327 -36.04 8.11 6.93
N MET B 328 -37.00 8.69 7.65
CA MET B 328 -38.38 8.76 7.18
C MET B 328 -39.09 9.89 7.89
N LYS B 329 -39.53 10.90 7.12
CA LYS B 329 -40.08 12.12 7.71
C LYS B 329 -41.47 11.87 8.31
N SER B 330 -41.85 12.79 9.21
CA SER B 330 -43.15 12.79 9.86
C SER B 330 -44.28 13.02 8.86
N HIS B 331 -45.47 12.56 9.24
CA HIS B 331 -46.68 13.09 8.64
C HIS B 331 -47.08 14.39 9.35
N GLU B 332 -47.98 15.14 8.71
CA GLU B 332 -48.54 16.32 9.35
C GLU B 332 -49.37 15.92 10.56
N SER B 333 -50.39 15.08 10.34
CA SER B 333 -51.19 14.50 11.42
C SER B 333 -50.28 13.59 12.24
N SER B 334 -49.51 14.22 13.11
CA SER B 334 -48.66 13.56 14.09
C SER B 334 -48.48 14.56 15.23
N PRO B 335 -48.80 14.15 16.47
CA PRO B 335 -48.76 15.11 17.60
C PRO B 335 -47.47 15.90 17.69
N LYS B 336 -46.32 15.24 17.50
CA LYS B 336 -45.04 15.91 17.50
C LYS B 336 -44.35 15.66 16.16
N LYS B 337 -43.52 16.62 15.74
CA LYS B 337 -42.79 16.52 14.49
C LYS B 337 -41.51 15.72 14.73
N GLU B 338 -41.40 14.57 14.08
CA GLU B 338 -40.31 13.63 14.31
C GLU B 338 -39.70 13.19 12.97
N VAL B 339 -38.56 12.50 13.05
CA VAL B 339 -38.05 11.69 11.96
C VAL B 339 -37.70 10.32 12.52
N TYR B 340 -38.08 9.27 11.78
CA TYR B 340 -37.93 7.90 12.28
C TYR B 340 -37.03 7.07 11.36
N PHE B 341 -36.35 6.09 11.95
CA PHE B 341 -35.44 5.21 11.23
C PHE B 341 -35.82 3.74 11.46
N MET B 342 -35.83 2.95 10.39
CA MET B 342 -36.34 1.59 10.51
C MET B 342 -35.54 0.66 9.62
N ALA B 343 -35.19 -0.51 10.15
CA ALA B 343 -34.47 -1.48 9.33
C ALA B 343 -34.38 -2.81 10.05
N ILE B 344 -34.19 -3.88 9.26
CA ILE B 344 -34.03 -5.21 9.85
C ILE B 344 -32.60 -5.40 10.33
N ILE B 345 -32.44 -5.93 11.54
CA ILE B 345 -31.11 -6.17 12.10
C ILE B 345 -31.03 -7.57 12.70
N ASP B 346 -29.79 -8.05 12.81
CA ASP B 346 -29.39 -9.26 13.50
C ASP B 346 -29.93 -10.51 12.81
N ILE B 347 -29.46 -10.79 11.59
CA ILE B 347 -29.98 -11.87 10.77
C ILE B 347 -29.01 -13.04 10.67
N LEU B 348 -27.98 -13.10 11.52
CA LEU B 348 -26.90 -14.04 11.31
C LEU B 348 -26.88 -15.22 12.28
N THR B 349 -27.51 -15.09 13.44
CA THR B 349 -27.59 -16.23 14.35
C THR B 349 -28.96 -16.90 14.18
N PRO B 377 -39.09 -19.91 12.31
CA PRO B 377 -39.02 -20.15 10.86
C PRO B 377 -39.96 -19.24 10.06
N GLU B 378 -40.83 -19.87 9.27
CA GLU B 378 -41.87 -19.13 8.56
C GLU B 378 -42.88 -18.51 9.51
N GLN B 379 -43.11 -19.17 10.65
CA GLN B 379 -43.99 -18.59 11.67
C GLN B 379 -43.46 -17.23 12.10
N TYR B 380 -42.14 -17.13 12.29
CA TYR B 380 -41.55 -15.85 12.59
C TYR B 380 -41.53 -14.91 11.40
N SER B 381 -41.65 -15.40 10.16
CA SER B 381 -41.89 -14.49 9.05
C SER B 381 -43.24 -13.81 9.20
N LYS B 382 -44.30 -14.61 9.39
CA LYS B 382 -45.65 -14.07 9.39
C LYS B 382 -45.89 -13.17 10.61
N ARG B 383 -45.53 -13.63 11.81
CA ARG B 383 -45.79 -12.84 13.01
C ARG B 383 -45.03 -11.52 12.98
N PHE B 384 -43.77 -11.56 12.55
CA PHE B 384 -42.96 -10.35 12.43
C PHE B 384 -43.59 -9.35 11.46
N ASN B 385 -43.97 -9.83 10.26
CA ASN B 385 -44.55 -8.92 9.28
C ASN B 385 -45.81 -8.25 9.84
N GLU B 386 -46.72 -9.06 10.40
CA GLU B 386 -47.96 -8.53 10.94
C GLU B 386 -47.70 -7.45 12.00
N PHE B 387 -46.84 -7.77 12.97
CA PHE B 387 -46.54 -6.81 14.04
C PHE B 387 -46.01 -5.49 13.47
N MET B 388 -44.92 -5.55 12.70
CA MET B 388 -44.27 -4.30 12.35
C MET B 388 -45.15 -3.44 11.45
N SER B 389 -46.02 -4.05 10.63
CA SER B 389 -46.94 -3.22 9.86
C SER B 389 -48.00 -2.60 10.76
N ASN B 390 -48.60 -3.39 11.67
CA ASN B 390 -49.53 -2.73 12.60
C ASN B 390 -48.81 -1.79 13.58
N ILE B 391 -47.49 -1.58 13.43
CA ILE B 391 -46.78 -0.55 14.20
C ILE B 391 -46.74 0.80 13.49
N LEU B 392 -47.28 0.89 12.27
CA LEU B 392 -47.16 2.13 11.48
C LEU B 392 -48.39 2.36 10.61
PB ANP C . 29.63 -9.88 -13.92
O1B ANP C . 30.86 -10.64 -14.27
O2B ANP C . 28.83 -9.60 -15.23
N3B ANP C . 28.69 -10.80 -12.86
PA ANP C . 29.50 -8.03 -11.81
O1A ANP C . 28.32 -8.82 -11.38
O2A ANP C . 30.67 -8.11 -10.83
O3A ANP C . 30.03 -8.52 -13.25
O5' ANP C . 29.02 -6.51 -12.04
C5' ANP C . 29.53 -5.67 -13.12
C4' ANP C . 28.40 -5.32 -14.07
O4' ANP C . 27.41 -4.53 -13.37
C3' ANP C . 28.81 -4.53 -15.32
O3' ANP C . 28.40 -5.20 -16.51
C2' ANP C . 28.13 -3.16 -15.14
O2' ANP C . 27.63 -2.69 -16.39
C1' ANP C . 26.98 -3.47 -14.20
N9 ANP C . 26.59 -2.36 -13.33
C8 ANP C . 26.77 -2.30 -11.97
N7 ANP C . 26.33 -1.19 -11.42
C5 ANP C . 25.84 -0.47 -12.51
C6 ANP C . 25.23 0.81 -12.60
N6 ANP C . 25.00 1.61 -11.55
N1 ANP C . 24.85 1.23 -13.82
C2 ANP C . 25.05 0.43 -14.87
N3 ANP C . 25.62 -0.78 -14.91
C4 ANP C . 25.99 -1.18 -13.68
PG ANP D . 21.54 -8.31 10.34
O1G ANP D . 22.89 -7.91 9.84
O2G ANP D . 21.72 -9.08 11.71
O3G ANP D . 20.68 -7.00 10.61
PB ANP D . 21.59 -10.48 8.40
O1B ANP D . 22.85 -9.87 7.86
O2B ANP D . 21.98 -11.69 9.31
N3B ANP D . 20.71 -9.30 9.23
PA ANP D . 20.86 -12.29 6.37
O1A ANP D . 21.52 -12.07 5.06
O2A ANP D . 21.76 -13.19 7.24
O3A ANP D . 20.68 -10.94 7.21
O5' ANP D . 19.36 -12.83 6.05
C5' ANP D . 18.14 -12.16 6.39
C4' ANP D . 17.52 -12.80 7.61
O4' ANP D . 16.27 -13.46 7.27
C3' ANP D . 18.26 -13.90 8.36
O3' ANP D . 19.25 -13.39 9.23
C2' ANP D . 17.15 -14.45 9.23
O2' ANP D . 16.77 -13.46 10.16
C1' ANP D . 16.00 -14.47 8.24
N9 ANP D . 15.89 -15.74 7.55
C8 ANP D . 16.89 -16.44 6.95
N7 ANP D . 16.51 -17.58 6.41
C5 ANP D . 15.15 -17.62 6.69
C6 ANP D . 14.16 -18.58 6.39
N6 ANP D . 14.40 -19.71 5.72
N1 ANP D . 12.90 -18.32 6.81
C2 ANP D . 12.66 -17.19 7.49
N3 ANP D . 13.51 -16.22 7.83
C4 ANP D . 14.76 -16.51 7.39
C5' ANP E . -27.32 -4.96 19.63
C4' ANP E . -27.21 -3.45 19.67
O4' ANP E . -26.63 -2.96 18.44
C3' ANP E . -28.54 -2.71 19.85
O3' ANP E . -28.43 -1.65 20.80
C2' ANP E . -28.83 -2.16 18.44
O2' ANP E . -29.54 -0.94 18.51
C1' ANP E . -27.43 -1.92 17.90
N9 ANP E . -27.32 -1.97 16.44
C8 ANP E . -27.26 -3.11 15.67
N7 ANP E . -27.18 -2.87 14.39
C5 ANP E . -27.17 -1.49 14.30
C6 ANP E . -27.10 -0.61 13.21
N6 ANP E . -27.01 -1.01 11.93
N1 ANP E . -27.13 0.72 13.47
C2 ANP E . -27.22 1.12 14.74
N3 ANP E . -27.29 0.39 15.85
C4 ANP E . -27.27 -0.92 15.56
#